data_4DVF
#
_entry.id   4DVF
#
_cell.length_a   59.568
_cell.length_b   85.822
_cell.length_c   176.654
_cell.angle_alpha   90.000
_cell.angle_beta   90.000
_cell.angle_gamma   90.000
#
_symmetry.space_group_name_H-M   'P 21 21 21'
#
loop_
_entity.id
_entity.type
_entity.pdbx_description
1 polymer 'Beta-secretase 1'
2 polymer 'METHYL (2S)-1-[(2R,5S,8S,12S,13S)-2,13-DIBENZYL-12-HYDROXY-3,5-DIMETHYL-8-(2-METHYLPROPYL)-15-(3-[(METHYLSULFONYL)AMINO]-5-{[(1R)-1-PHENYLETHYL]CARBAMOYL}PHENYL)-4,7,10,15-TETRAOXO-3,6,9,14-TETRAAZAPENTADECAN-1-OYL]PYRROLIDINE-2-CARBOXYLATE'
3 water water
#
loop_
_entity_poly.entity_id
_entity_poly.type
_entity_poly.pdbx_seq_one_letter_code
_entity_poly.pdbx_strand_id
1 'polypeptide(L)'
;MGSSHHHHHHSAGENLYFQGTLPRETDEEPEEPGRRGSFVEMVDNLRGKSGQGYYVEMTVGSPPQTLNILVDTGSSNFAV
GAAPHPFLHRYYQRQLSSTYRDLRKGVYVPYTQGAWAGELGTDLVSIPHGPNVTVRANIAAITESDKFFINGSNWEGILG
LAYAEIARPDDSLEPFFDSLVKQTHVPNLFSLQLCGAGFPLNQSEVLASVGGSMIIGGIDHSLYTGSLWYTPIRREWYYE
VIIVRVEINGQDLKMDCKEYNYDKSIVDSGTTNLRLPKKVFEAAVKSIKAASSTEKFPDGFWLGEQLVCWQAGTTPWNIF
PVISLYLMGEVTNQSFRITILPQQYLRPVEDVATSQDDCYKFAISQSSTGTVMGAVIMEGFYVVFDRARKRIGFAVSACH
VHDEFRTAAVEGPFVTLDMEDCGYNIPQTDEST
;
A,B
2 'polypeptide(L)' (QSC)(USC)(PSA)LA(ZAE)(PLJ) C,D
#
loop_
_chem_comp.id
_chem_comp.type
_chem_comp.name
_chem_comp.formula
PSA peptide-like '3-HYDROXY-4-AMINO-5-PHENYLPENTANOIC ACID' 'C11 H15 N O3'
QSC non-polymer (1R)-1-phenylethanamine 'C8 H11 N'
USC non-polymer '5-[(methylsulfonyl)amino]benzene-1,3-dicarboxylic acid' 'C9 H9 N O6 S'
#
# COMPACT_ATOMS: atom_id res chain seq x y z
N PHE A 39 25.34 -5.60 -16.51
CA PHE A 39 24.54 -5.86 -15.31
C PHE A 39 23.74 -4.66 -14.84
N VAL A 40 24.21 -3.45 -15.11
CA VAL A 40 23.43 -2.28 -14.76
C VAL A 40 21.96 -2.46 -15.15
N GLU A 41 21.70 -3.18 -16.24
CA GLU A 41 20.32 -3.39 -16.68
C GLU A 41 19.57 -4.42 -15.79
N MET A 42 20.31 -5.12 -14.94
CA MET A 42 19.70 -6.09 -14.03
C MET A 42 19.54 -5.56 -12.60
N VAL A 43 20.32 -4.54 -12.24
CA VAL A 43 20.17 -3.92 -10.91
C VAL A 43 18.72 -3.52 -10.62
N ASP A 44 18.29 -3.77 -9.38
CA ASP A 44 16.91 -3.50 -8.93
C ASP A 44 15.85 -4.20 -9.78
N ASN A 45 16.13 -5.41 -10.23
CA ASN A 45 15.13 -6.14 -11.01
C ASN A 45 14.22 -7.01 -10.15
N LEU A 46 14.42 -6.97 -8.83
CA LEU A 46 13.59 -7.69 -7.89
C LEU A 46 12.66 -6.75 -7.15
N ARG A 47 11.42 -7.18 -6.95
CA ARG A 47 10.48 -6.43 -6.13
C ARG A 47 9.74 -7.40 -5.21
N GLY A 48 8.92 -6.84 -4.32
CA GLY A 48 8.05 -7.66 -3.50
C GLY A 48 7.39 -6.84 -2.41
N LYS A 49 6.51 -7.50 -1.67
CA LYS A 49 5.93 -6.96 -0.46
C LYS A 49 6.66 -7.59 0.72
N SER A 50 7.06 -6.76 1.68
CA SER A 50 7.75 -7.23 2.87
C SER A 50 7.10 -8.52 3.39
N GLY A 51 7.91 -9.57 3.54
CA GLY A 51 7.44 -10.82 4.10
C GLY A 51 6.57 -11.65 3.17
N GLN A 52 6.52 -11.28 1.89
CA GLN A 52 5.67 -12.01 0.95
C GLN A 52 6.45 -12.61 -0.23
N GLY A 53 7.72 -12.23 -0.38
CA GLY A 53 8.60 -12.88 -1.34
C GLY A 53 9.22 -11.97 -2.38
N TYR A 54 10.43 -12.32 -2.84
CA TYR A 54 11.13 -11.53 -3.86
C TYR A 54 10.89 -12.13 -5.24
N TYR A 55 10.40 -11.31 -6.19
CA TYR A 55 10.04 -11.82 -7.50
C TYR A 55 10.69 -11.02 -8.61
N VAL A 56 10.95 -11.71 -9.73
CA VAL A 56 11.50 -11.08 -10.91
C VAL A 56 10.45 -11.15 -12.01
N GLU A 57 10.42 -10.15 -12.86
CA GLU A 57 9.48 -10.17 -13.97
C GLU A 57 10.04 -11.08 -15.08
N MET A 58 9.18 -11.95 -15.61
CA MET A 58 9.55 -12.81 -16.72
C MET A 58 8.41 -12.78 -17.71
N THR A 59 8.65 -13.26 -18.93
CA THR A 59 7.59 -13.40 -19.90
C THR A 59 7.57 -14.83 -20.41
N VAL A 60 6.39 -15.37 -20.67
CA VAL A 60 6.29 -16.72 -21.22
C VAL A 60 5.33 -16.74 -22.41
N GLY A 61 5.63 -17.58 -23.41
CA GLY A 61 4.73 -17.80 -24.52
C GLY A 61 4.84 -16.79 -25.66
N SER A 62 3.99 -16.96 -26.66
CA SER A 62 3.97 -16.08 -27.84
C SER A 62 2.52 -15.79 -28.23
N PRO A 63 2.13 -14.52 -28.21
CA PRO A 63 2.99 -13.40 -27.77
C PRO A 63 3.31 -13.50 -26.28
N PRO A 64 4.33 -12.74 -25.84
CA PRO A 64 4.79 -12.70 -24.44
C PRO A 64 3.64 -12.47 -23.47
N GLN A 65 3.56 -13.31 -22.44
CA GLN A 65 2.67 -13.07 -21.32
C GLN A 65 3.51 -12.70 -20.10
N THR A 66 3.35 -11.47 -19.61
CA THR A 66 4.17 -11.00 -18.51
C THR A 66 3.67 -11.55 -17.18
N LEU A 67 4.59 -12.08 -16.38
CA LEU A 67 4.27 -12.63 -15.08
C LEU A 67 5.36 -12.28 -14.09
N ASN A 68 4.98 -12.15 -12.82
CA ASN A 68 5.94 -11.99 -11.73
C ASN A 68 6.24 -13.33 -11.10
N ILE A 69 7.52 -13.68 -11.02
CA ILE A 69 7.93 -15.00 -10.60
C ILE A 69 8.82 -14.96 -9.37
N LEU A 70 8.38 -15.63 -8.31
CA LEU A 70 9.17 -15.76 -7.08
C LEU A 70 10.51 -16.43 -7.36
N VAL A 71 11.59 -15.81 -6.91
CA VAL A 71 12.92 -16.40 -7.00
C VAL A 71 13.19 -17.37 -5.85
N ASP A 72 13.39 -18.65 -6.17
CA ASP A 72 13.49 -19.69 -5.15
C ASP A 72 14.66 -20.62 -5.34
N THR A 73 15.75 -20.39 -4.61
CA THR A 73 16.92 -21.25 -4.67
C THR A 73 16.73 -22.55 -3.88
N GLY A 74 15.54 -22.72 -3.28
CA GLY A 74 15.24 -23.90 -2.47
C GLY A 74 14.44 -25.00 -3.18
N SER A 75 14.24 -24.84 -4.48
CA SER A 75 13.62 -25.90 -5.29
C SER A 75 14.12 -25.82 -6.73
N SER A 76 13.59 -26.68 -7.61
CA SER A 76 14.15 -26.77 -8.96
C SER A 76 13.13 -26.80 -10.09
N ASN A 77 11.87 -26.53 -9.77
CA ASN A 77 10.80 -26.50 -10.75
C ASN A 77 10.37 -25.07 -11.11
N PHE A 78 10.26 -24.80 -12.40
CA PHE A 78 9.67 -23.56 -12.87
C PHE A 78 8.17 -23.81 -13.08
N ALA A 79 7.34 -23.04 -12.38
CA ALA A 79 5.89 -23.24 -12.37
C ALA A 79 5.11 -21.94 -12.28
N VAL A 80 3.95 -21.89 -12.94
CA VAL A 80 3.16 -20.67 -13.00
C VAL A 80 1.68 -20.97 -12.83
N GLY A 81 0.96 -20.07 -12.16
CA GLY A 81 -0.48 -20.20 -12.07
C GLY A 81 -0.99 -20.23 -13.50
N ALA A 82 -1.91 -21.13 -13.79
CA ALA A 82 -2.38 -21.36 -15.16
C ALA A 82 -3.89 -21.45 -15.18
N ALA A 83 -4.49 -21.09 -14.06
CA ALA A 83 -5.93 -21.09 -13.89
C ALA A 83 -6.29 -20.09 -12.82
N PRO A 84 -7.51 -19.51 -12.90
CA PRO A 84 -7.99 -18.54 -11.92
C PRO A 84 -7.83 -19.02 -10.48
N HIS A 85 -7.50 -18.07 -9.61
CA HIS A 85 -7.31 -18.36 -8.20
C HIS A 85 -7.51 -17.04 -7.46
N PRO A 86 -8.17 -17.09 -6.29
CA PRO A 86 -8.49 -15.88 -5.53
C PRO A 86 -7.29 -14.93 -5.42
N PHE A 87 -6.09 -15.49 -5.31
CA PHE A 87 -4.92 -14.70 -5.02
C PHE A 87 -4.09 -14.28 -6.24
N LEU A 88 -4.58 -14.60 -7.45
CA LEU A 88 -3.84 -14.25 -8.67
C LEU A 88 -4.49 -13.11 -9.44
N HIS A 89 -3.69 -12.12 -9.81
CA HIS A 89 -4.15 -10.99 -10.61
C HIS A 89 -4.11 -11.39 -12.07
N ARG A 90 -3.14 -12.22 -12.41
CA ARG A 90 -2.98 -12.72 -13.77
C ARG A 90 -2.44 -14.14 -13.76
N TYR A 91 -2.55 -14.81 -14.90
CA TYR A 91 -2.05 -16.17 -14.97
C TYR A 91 -1.76 -16.61 -16.40
N TYR A 92 -0.96 -17.66 -16.50
CA TYR A 92 -0.49 -18.17 -17.78
C TYR A 92 -1.67 -18.77 -18.53
N GLN A 93 -1.97 -18.23 -19.70
CA GLN A 93 -3.01 -18.78 -20.57
C GLN A 93 -2.36 -19.55 -21.71
N ARG A 94 -2.21 -20.86 -21.52
CA ARG A 94 -1.53 -21.72 -22.48
C ARG A 94 -2.17 -21.66 -23.86
N GLN A 95 -3.50 -21.63 -23.91
CA GLN A 95 -4.23 -21.62 -25.16
C GLN A 95 -3.94 -20.38 -26.02
N LEU A 96 -3.36 -19.34 -25.41
CA LEU A 96 -3.06 -18.09 -26.13
C LEU A 96 -1.61 -18.03 -26.59
N SER A 97 -0.83 -19.05 -26.25
CA SER A 97 0.56 -19.11 -26.69
C SER A 97 0.70 -20.09 -27.84
N SER A 98 1.24 -19.60 -28.95
CA SER A 98 1.36 -20.39 -30.17
C SER A 98 2.52 -21.37 -30.05
N THR A 99 3.44 -21.08 -29.13
CA THR A 99 4.65 -21.89 -28.99
C THR A 99 4.56 -22.90 -27.85
N TYR A 100 3.44 -22.91 -27.13
CA TYR A 100 3.30 -23.82 -26.01
C TYR A 100 3.30 -25.28 -26.45
N ARG A 101 4.07 -26.13 -25.76
CA ARG A 101 3.97 -27.57 -25.96
C ARG A 101 3.47 -28.29 -24.71
N ASP A 102 2.51 -29.19 -24.90
CA ASP A 102 1.97 -29.97 -23.80
C ASP A 102 2.75 -31.27 -23.71
N LEU A 103 3.45 -31.48 -22.60
CA LEU A 103 4.20 -32.73 -22.40
C LEU A 103 3.30 -33.89 -22.01
N ARG A 104 2.03 -33.59 -21.81
CA ARG A 104 1.01 -34.58 -21.44
C ARG A 104 1.42 -35.46 -20.26
N LYS A 105 1.92 -34.82 -19.21
CA LYS A 105 2.28 -35.52 -18.00
C LYS A 105 2.01 -34.58 -16.84
N GLY A 106 1.56 -35.11 -15.71
CA GLY A 106 1.31 -34.28 -14.55
C GLY A 106 2.52 -34.19 -13.63
N VAL A 107 2.48 -33.22 -12.71
CA VAL A 107 3.54 -33.04 -11.76
C VAL A 107 2.95 -32.58 -10.43
N TYR A 108 3.53 -33.03 -9.33
CA TYR A 108 3.15 -32.57 -7.99
C TYR A 108 4.40 -32.12 -7.25
N VAL A 109 4.35 -30.93 -6.65
CA VAL A 109 5.52 -30.40 -5.91
C VAL A 109 5.12 -30.01 -4.48
N PRO A 110 5.63 -30.74 -3.47
CA PRO A 110 5.36 -30.35 -2.08
C PRO A 110 6.49 -29.51 -1.50
N TYR A 111 6.15 -28.47 -0.74
CA TYR A 111 7.13 -27.61 -0.08
C TYR A 111 6.96 -27.70 1.44
N THR A 112 7.89 -27.10 2.17
CA THR A 112 7.75 -27.04 3.62
C THR A 112 6.45 -26.34 3.94
N GLN A 113 6.15 -25.28 3.18
CA GLN A 113 4.92 -24.54 3.29
C GLN A 113 4.16 -24.60 1.98
N GLY A 114 3.03 -25.28 1.96
CA GLY A 114 2.22 -25.32 0.75
C GLY A 114 2.63 -26.40 -0.24
N ALA A 115 1.87 -26.51 -1.32
CA ALA A 115 2.12 -27.48 -2.38
C ALA A 115 1.23 -27.15 -3.57
N TRP A 116 1.55 -27.69 -4.74
CA TRP A 116 0.72 -27.49 -5.92
C TRP A 116 0.88 -28.67 -6.86
N ALA A 117 -0.11 -28.86 -7.74
CA ALA A 117 -0.02 -29.87 -8.78
C ALA A 117 -0.38 -29.22 -10.11
N GLY A 118 0.09 -29.81 -11.20
CA GLY A 118 -0.18 -29.20 -12.49
C GLY A 118 0.19 -30.08 -13.66
N GLU A 119 0.22 -29.46 -14.84
CA GLU A 119 0.50 -30.14 -16.10
C GLU A 119 1.86 -29.72 -16.59
N LEU A 120 2.71 -30.67 -16.94
CA LEU A 120 4.01 -30.34 -17.52
C LEU A 120 3.86 -29.87 -18.97
N GLY A 121 4.77 -28.99 -19.39
CA GLY A 121 4.81 -28.47 -20.75
C GLY A 121 6.06 -27.65 -20.96
N THR A 122 6.24 -27.10 -22.16
CA THR A 122 7.37 -26.22 -22.41
C THR A 122 6.91 -24.97 -23.19
N ASP A 123 7.68 -23.90 -23.08
CA ASP A 123 7.39 -22.70 -23.85
C ASP A 123 8.63 -21.79 -23.90
N LEU A 124 8.49 -20.67 -24.61
CA LEU A 124 9.58 -19.73 -24.76
C LEU A 124 9.55 -18.78 -23.56
N VAL A 125 10.72 -18.49 -22.99
CA VAL A 125 10.81 -17.74 -21.73
C VAL A 125 11.89 -16.68 -21.81
N SER A 126 11.56 -15.45 -21.45
CA SER A 126 12.53 -14.36 -21.41
C SER A 126 12.44 -13.62 -20.09
N ILE A 127 13.55 -12.98 -19.71
CA ILE A 127 13.59 -12.12 -18.55
C ILE A 127 13.85 -10.67 -19.00
N PRO A 128 12.79 -9.85 -19.06
CA PRO A 128 12.88 -8.47 -19.53
C PRO A 128 14.06 -7.71 -18.94
N HIS A 129 14.15 -7.67 -17.61
CA HIS A 129 15.27 -7.02 -16.95
C HIS A 129 16.35 -8.01 -16.57
N GLY A 130 16.82 -8.75 -17.56
CA GLY A 130 17.88 -9.71 -17.38
C GLY A 130 18.57 -9.85 -18.72
N PRO A 131 19.32 -10.94 -18.92
CA PRO A 131 19.99 -11.11 -20.22
C PRO A 131 18.99 -11.01 -21.36
N ASN A 132 19.45 -10.50 -22.50
CA ASN A 132 18.60 -10.30 -23.66
C ASN A 132 18.52 -11.56 -24.51
N VAL A 133 17.70 -12.51 -24.07
CA VAL A 133 17.63 -13.81 -24.73
C VAL A 133 16.28 -14.47 -24.48
N THR A 134 15.92 -15.37 -25.38
CA THR A 134 14.71 -16.16 -25.24
C THR A 134 15.09 -17.63 -25.30
N VAL A 135 14.68 -18.40 -24.30
CA VAL A 135 15.00 -19.84 -24.27
C VAL A 135 13.73 -20.68 -24.26
N ARG A 136 13.84 -21.93 -24.72
CA ARG A 136 12.75 -22.87 -24.46
C ARG A 136 13.00 -23.52 -23.11
N ALA A 137 11.96 -23.62 -22.30
CA ALA A 137 12.12 -24.21 -20.98
C ALA A 137 10.90 -25.00 -20.54
N ASN A 138 11.12 -25.88 -19.58
CA ASN A 138 10.04 -26.62 -18.95
C ASN A 138 9.22 -25.70 -18.05
N ILE A 139 7.90 -25.83 -18.11
CA ILE A 139 6.99 -25.02 -17.32
C ILE A 139 5.86 -25.86 -16.76
N ALA A 140 5.72 -25.89 -15.44
CA ALA A 140 4.58 -26.55 -14.84
C ALA A 140 3.44 -25.54 -14.75
N ALA A 141 2.35 -25.84 -15.43
CA ALA A 141 1.15 -25.03 -15.33
C ALA A 141 0.35 -25.46 -14.11
N ILE A 142 0.36 -24.64 -13.07
CA ILE A 142 -0.32 -24.97 -11.82
C ILE A 142 -1.82 -24.88 -12.00
N THR A 143 -2.52 -25.98 -11.73
CA THR A 143 -3.98 -25.99 -11.82
C THR A 143 -4.63 -26.28 -10.48
N GLU A 144 -3.86 -26.79 -9.52
CA GLU A 144 -4.37 -26.98 -8.16
C GLU A 144 -3.29 -26.63 -7.15
N SER A 145 -3.68 -26.01 -6.04
CA SER A 145 -2.70 -25.60 -5.04
C SER A 145 -3.30 -25.51 -3.66
N ASP A 146 -2.46 -25.64 -2.65
CA ASP A 146 -2.89 -25.49 -1.27
C ASP A 146 -1.85 -24.71 -0.47
N LYS A 147 -2.27 -23.59 0.10
CA LYS A 147 -1.43 -22.76 0.95
C LYS A 147 -0.11 -22.38 0.28
N PHE A 148 -0.17 -22.21 -1.03
CA PHE A 148 1.01 -21.88 -1.80
C PHE A 148 1.02 -20.40 -2.17
N PHE A 149 0.06 -19.98 -2.99
CA PHE A 149 -0.01 -18.56 -3.36
C PHE A 149 -0.33 -17.72 -2.14
N ILE A 150 0.18 -16.50 -2.12
CA ILE A 150 0.09 -15.64 -0.96
C ILE A 150 -0.70 -14.38 -1.32
N ASN A 151 -1.81 -14.18 -0.64
CA ASN A 151 -2.70 -13.05 -0.94
C ASN A 151 -1.94 -11.74 -0.87
N GLY A 152 -1.99 -10.97 -1.96
CA GLY A 152 -1.38 -9.65 -1.98
C GLY A 152 0.12 -9.62 -2.24
N SER A 153 0.70 -10.78 -2.55
CA SER A 153 2.15 -10.91 -2.75
C SER A 153 2.61 -10.42 -4.11
N ASN A 154 1.68 -10.33 -5.06
CA ASN A 154 1.97 -9.87 -6.42
C ASN A 154 2.88 -10.77 -7.25
N TRP A 155 3.10 -12.01 -6.79
CA TRP A 155 3.70 -13.00 -7.70
C TRP A 155 2.72 -14.12 -8.08
N GLU A 156 2.97 -14.72 -9.24
CA GLU A 156 2.06 -15.66 -9.88
C GLU A 156 2.71 -17.00 -10.19
N GLY A 157 4.01 -17.09 -9.92
CA GLY A 157 4.76 -18.30 -10.18
C GLY A 157 6.03 -18.37 -9.37
N ILE A 158 6.83 -19.38 -9.64
CA ILE A 158 8.05 -19.67 -8.89
C ILE A 158 9.16 -20.21 -9.81
N LEU A 159 10.36 -19.68 -9.63
CA LEU A 159 11.52 -20.09 -10.37
C LEU A 159 12.42 -20.88 -9.45
N GLY A 160 12.32 -22.20 -9.52
CA GLY A 160 13.21 -23.08 -8.79
C GLY A 160 14.59 -23.04 -9.41
N LEU A 161 15.56 -22.50 -8.66
CA LEU A 161 16.92 -22.31 -9.17
C LEU A 161 17.95 -23.35 -8.72
N ALA A 162 17.52 -24.34 -7.93
CA ALA A 162 18.44 -25.39 -7.49
C ALA A 162 18.63 -26.45 -8.60
N TYR A 163 19.32 -27.53 -8.25
CA TYR A 163 19.80 -28.49 -9.25
C TYR A 163 18.77 -29.53 -9.70
N ALA A 164 19.05 -30.15 -10.85
CA ALA A 164 18.19 -31.19 -11.41
C ALA A 164 17.86 -32.33 -10.44
N GLU A 165 18.82 -32.69 -9.60
CA GLU A 165 18.63 -33.82 -8.71
C GLU A 165 17.32 -33.78 -7.91
N ILE A 166 16.81 -32.59 -7.60
CA ILE A 166 15.59 -32.53 -6.81
C ILE A 166 14.38 -32.00 -7.58
N ALA A 167 14.50 -31.90 -8.90
CA ALA A 167 13.37 -31.51 -9.72
C ALA A 167 12.31 -32.62 -9.68
N ARG A 168 11.04 -32.23 -9.76
CA ARG A 168 9.96 -33.22 -9.87
C ARG A 168 9.39 -33.20 -11.30
N PRO A 169 8.94 -34.38 -11.79
CA PRO A 169 8.87 -35.67 -11.13
C PRO A 169 10.23 -36.35 -10.93
N ASP A 170 11.24 -35.98 -11.70
CA ASP A 170 12.55 -36.60 -11.56
C ASP A 170 13.62 -35.74 -12.22
N ASP A 171 14.87 -36.15 -12.09
CA ASP A 171 15.99 -35.32 -12.52
C ASP A 171 16.14 -35.15 -14.03
N SER A 172 15.27 -35.79 -14.79
CA SER A 172 15.28 -35.60 -16.23
C SER A 172 14.50 -34.36 -16.67
N LEU A 173 13.79 -33.73 -15.74
CA LEU A 173 13.08 -32.50 -16.07
C LEU A 173 14.01 -31.30 -15.86
N GLU A 174 14.65 -30.85 -16.94
CA GLU A 174 15.68 -29.83 -16.86
C GLU A 174 15.21 -28.52 -16.23
N PRO A 175 15.87 -28.10 -15.14
CA PRO A 175 15.52 -26.81 -14.52
C PRO A 175 15.80 -25.62 -15.42
N PHE A 176 15.13 -24.51 -15.16
CA PHE A 176 15.23 -23.32 -15.99
C PHE A 176 16.68 -22.86 -16.19
N PHE A 177 17.43 -22.72 -15.09
CA PHE A 177 18.77 -22.13 -15.21
C PHE A 177 19.72 -23.04 -15.98
N ASP A 178 19.48 -24.34 -15.94
CA ASP A 178 20.27 -25.26 -16.75
C ASP A 178 19.98 -25.03 -18.23
N SER A 179 18.71 -24.83 -18.56
CA SER A 179 18.28 -24.59 -19.93
C SER A 179 18.84 -23.26 -20.43
N LEU A 180 18.83 -22.27 -19.56
CA LEU A 180 19.33 -20.94 -19.91
C LEU A 180 20.79 -21.04 -20.29
N VAL A 181 21.55 -21.75 -19.47
CA VAL A 181 22.98 -21.89 -19.66
C VAL A 181 23.28 -22.71 -20.93
N LYS A 182 22.51 -23.75 -21.17
CA LYS A 182 22.75 -24.60 -22.33
C LYS A 182 22.42 -23.92 -23.66
N GLN A 183 21.42 -23.04 -23.66
CA GLN A 183 20.93 -22.44 -24.90
C GLN A 183 21.55 -21.08 -25.24
N THR A 184 22.38 -20.55 -24.33
CA THR A 184 22.95 -19.21 -24.51
C THR A 184 24.41 -19.15 -24.05
N HIS A 185 24.97 -17.95 -23.99
CA HIS A 185 26.35 -17.80 -23.52
C HIS A 185 26.41 -17.24 -22.10
N VAL A 186 25.25 -17.26 -21.43
CA VAL A 186 25.20 -16.84 -20.03
C VAL A 186 26.06 -17.78 -19.20
N PRO A 187 27.06 -17.21 -18.51
CA PRO A 187 27.91 -18.03 -17.64
C PRO A 187 27.11 -18.73 -16.55
N ASN A 188 27.67 -19.81 -16.01
CA ASN A 188 26.95 -20.69 -15.09
C ASN A 188 26.99 -20.18 -13.65
N LEU A 189 26.37 -19.03 -13.43
CA LEU A 189 26.48 -18.33 -12.16
C LEU A 189 25.40 -17.26 -12.06
N PHE A 190 24.84 -17.08 -10.87
CA PHE A 190 23.96 -15.95 -10.65
C PHE A 190 24.20 -15.47 -9.22
N SER A 191 23.81 -14.23 -8.93
CA SER A 191 23.99 -13.71 -7.59
C SER A 191 22.73 -13.00 -7.17
N LEU A 192 22.47 -13.02 -5.86
CA LEU A 192 21.27 -12.41 -5.34
C LEU A 192 21.54 -11.39 -4.25
N GLN A 193 20.95 -10.21 -4.40
CA GLN A 193 20.98 -9.19 -3.37
C GLN A 193 19.55 -8.91 -2.94
N LEU A 194 19.18 -9.39 -1.75
CA LEU A 194 17.82 -9.24 -1.31
C LEU A 194 17.75 -8.09 -0.29
N CYS A 195 16.98 -7.07 -0.60
CA CYS A 195 16.94 -5.87 0.24
C CYS A 195 15.69 -5.81 1.11
N GLY A 196 15.87 -5.94 2.42
CA GLY A 196 14.76 -5.99 3.33
C GLY A 196 14.06 -4.65 3.54
N ALA A 197 13.12 -4.64 4.50
CA ALA A 197 12.40 -3.43 4.89
C ALA A 197 12.94 -2.91 6.22
N ALA A 208 6.15 -0.53 3.07
CA ALA A 208 6.34 -1.97 3.25
C ALA A 208 6.87 -2.59 1.96
N SER A 209 7.56 -1.78 1.18
CA SER A 209 8.09 -2.23 -0.11
C SER A 209 9.49 -2.84 0.02
N VAL A 210 9.74 -3.89 -0.76
CA VAL A 210 10.98 -4.63 -0.71
C VAL A 210 11.57 -4.61 -2.13
N GLY A 211 12.87 -4.87 -2.25
CA GLY A 211 13.51 -4.92 -3.56
C GLY A 211 14.83 -5.66 -3.55
N GLY A 212 15.58 -5.50 -4.63
CA GLY A 212 16.88 -6.13 -4.73
C GLY A 212 17.26 -6.45 -6.17
N SER A 213 18.30 -7.27 -6.34
CA SER A 213 18.79 -7.58 -7.67
C SER A 213 19.15 -9.05 -7.81
N MET A 214 18.71 -9.66 -8.91
CA MET A 214 19.24 -10.95 -9.35
C MET A 214 20.14 -10.72 -10.56
N ILE A 215 21.45 -10.78 -10.35
CA ILE A 215 22.40 -10.63 -11.45
C ILE A 215 22.66 -11.98 -12.09
N ILE A 216 22.19 -12.14 -13.31
CA ILE A 216 22.33 -13.40 -14.03
C ILE A 216 23.61 -13.44 -14.85
N GLY A 217 24.49 -14.36 -14.49
CA GLY A 217 25.70 -14.63 -15.26
C GLY A 217 26.95 -13.93 -14.73
N GLY A 218 26.85 -13.31 -13.56
CA GLY A 218 27.96 -12.53 -13.06
C GLY A 218 27.79 -11.91 -11.69
N ILE A 219 28.76 -11.09 -11.33
CA ILE A 219 28.86 -10.46 -10.01
C ILE A 219 28.99 -8.96 -10.17
N ASP A 220 28.08 -8.20 -9.55
CA ASP A 220 28.10 -6.73 -9.65
C ASP A 220 28.66 -6.13 -8.36
N HIS A 221 29.90 -5.64 -8.43
CA HIS A 221 30.64 -5.18 -7.25
C HIS A 221 30.03 -3.98 -6.52
N SER A 222 29.17 -3.23 -7.19
CA SER A 222 28.55 -2.08 -6.53
C SER A 222 27.48 -2.55 -5.56
N LEU A 223 27.22 -3.85 -5.54
CA LEU A 223 26.17 -4.40 -4.68
C LEU A 223 26.68 -4.86 -3.33
N TYR A 224 28.00 -4.92 -3.17
CA TYR A 224 28.57 -5.35 -1.89
C TYR A 224 29.77 -4.52 -1.51
N THR A 225 30.15 -4.59 -0.23
CA THR A 225 31.38 -3.97 0.25
C THR A 225 32.23 -5.03 0.93
N GLY A 226 33.52 -4.73 1.13
CA GLY A 226 34.40 -5.68 1.77
C GLY A 226 34.70 -6.86 0.86
N SER A 227 35.15 -7.95 1.45
CA SER A 227 35.60 -9.12 0.69
C SER A 227 34.50 -10.16 0.50
N LEU A 228 34.54 -10.88 -0.62
CA LEU A 228 33.66 -12.03 -0.82
C LEU A 228 34.34 -13.24 -0.20
N TRP A 229 33.61 -13.96 0.65
CA TRP A 229 34.14 -15.20 1.22
C TRP A 229 33.35 -16.39 0.65
N TYR A 230 34.06 -17.43 0.19
CA TYR A 230 33.37 -18.57 -0.43
C TYR A 230 33.29 -19.84 0.43
N THR A 231 32.12 -20.50 0.38
CA THR A 231 31.94 -21.78 1.06
C THR A 231 31.56 -22.83 0.00
N PRO A 232 32.10 -24.05 0.11
CA PRO A 232 31.81 -25.01 -0.96
C PRO A 232 30.36 -25.47 -0.95
N ILE A 233 29.81 -25.76 -2.13
CA ILE A 233 28.54 -26.47 -2.21
C ILE A 233 28.86 -27.93 -1.99
N ARG A 234 28.35 -28.49 -0.90
CA ARG A 234 28.73 -29.83 -0.47
C ARG A 234 28.28 -30.87 -1.47
N ARG A 235 27.11 -30.62 -2.05
CA ARG A 235 26.47 -31.56 -2.94
C ARG A 235 25.47 -30.79 -3.78
N GLU A 236 25.40 -31.12 -5.05
CA GLU A 236 24.52 -30.41 -5.96
C GLU A 236 23.12 -31.00 -5.96
N TRP A 237 22.29 -30.51 -5.07
CA TRP A 237 20.88 -30.85 -5.06
C TRP A 237 20.11 -29.60 -4.65
N TYR A 238 19.94 -29.40 -3.35
CA TYR A 238 19.77 -28.05 -2.84
C TYR A 238 21.13 -27.38 -2.97
N TYR A 239 21.18 -26.08 -2.65
CA TYR A 239 22.48 -25.44 -2.42
C TYR A 239 22.89 -25.72 -0.99
N GLU A 240 23.53 -26.88 -0.79
CA GLU A 240 23.85 -27.36 0.54
C GLU A 240 25.20 -26.83 0.96
N VAL A 241 25.26 -26.30 2.18
CA VAL A 241 26.52 -25.82 2.74
C VAL A 241 26.79 -26.48 4.08
N ILE A 242 27.94 -26.19 4.67
CA ILE A 242 28.26 -26.77 5.97
C ILE A 242 28.58 -25.70 7.01
N ILE A 243 27.79 -25.67 8.08
CA ILE A 243 27.96 -24.72 9.19
C ILE A 243 28.87 -25.36 10.23
N VAL A 244 29.92 -24.64 10.66
CA VAL A 244 30.91 -25.28 11.52
C VAL A 244 30.91 -24.73 12.93
N ARG A 245 30.22 -23.61 13.15
CA ARG A 245 30.17 -23.02 14.48
C ARG A 245 29.02 -22.03 14.53
N VAL A 246 28.39 -21.89 15.70
CA VAL A 246 27.38 -20.87 15.91
C VAL A 246 27.69 -20.05 17.18
N GLU A 247 27.56 -18.74 17.07
CA GLU A 247 27.71 -17.84 18.23
C GLU A 247 26.54 -16.84 18.30
N ILE A 248 26.13 -16.55 19.53
CA ILE A 248 25.11 -15.56 19.84
C ILE A 248 25.81 -14.43 20.62
N ASN A 249 25.93 -13.27 20.01
CA ASN A 249 26.68 -12.17 20.61
C ASN A 249 28.09 -12.61 21.06
N GLY A 250 28.76 -13.42 20.25
CA GLY A 250 30.09 -13.91 20.57
C GLY A 250 30.18 -15.09 21.54
N GLN A 251 29.03 -15.53 22.06
CA GLN A 251 28.98 -16.71 22.93
C GLN A 251 28.71 -17.96 22.11
N ASP A 252 29.64 -18.92 22.17
CA ASP A 252 29.53 -20.18 21.44
C ASP A 252 28.33 -20.96 21.95
N LEU A 253 27.53 -21.49 21.03
CA LEU A 253 26.35 -22.27 21.37
C LEU A 253 26.80 -23.65 21.89
N LYS A 254 28.00 -24.06 21.50
CA LYS A 254 28.67 -25.22 22.11
C LYS A 254 27.99 -26.55 21.82
N MET A 255 27.42 -26.69 20.63
CA MET A 255 26.86 -27.96 20.21
C MET A 255 27.86 -28.67 19.30
N ASP A 256 27.77 -29.99 19.22
CA ASP A 256 28.55 -30.71 18.21
C ASP A 256 28.15 -30.17 16.83
N CYS A 257 29.14 -29.83 16.00
CA CYS A 257 28.79 -29.09 14.77
C CYS A 257 27.90 -29.89 13.82
N LYS A 258 27.92 -31.22 13.94
CA LYS A 258 26.99 -32.04 13.17
C LYS A 258 25.54 -31.65 13.42
N GLU A 259 25.23 -31.15 14.62
CA GLU A 259 23.86 -30.74 14.94
C GLU A 259 23.41 -29.58 14.05
N TYR A 260 24.34 -28.70 13.70
CA TYR A 260 24.02 -27.54 12.91
C TYR A 260 23.59 -27.92 11.48
N ASN A 261 23.94 -29.14 11.04
CA ASN A 261 23.68 -29.54 9.66
C ASN A 261 22.89 -30.84 9.61
N TYR A 262 22.04 -31.04 10.61
CA TYR A 262 21.20 -32.24 10.68
C TYR A 262 19.82 -31.92 10.12
N ASP A 263 19.40 -32.53 9.02
CA ASP A 263 20.19 -33.53 8.25
C ASP A 263 20.85 -32.92 7.01
N LYS A 264 20.62 -31.63 6.79
CA LYS A 264 21.34 -30.84 5.80
C LYS A 264 21.25 -29.35 6.17
N SER A 265 22.11 -28.51 5.59
CA SER A 265 21.95 -27.06 5.68
C SER A 265 21.89 -26.48 4.28
N ILE A 266 20.90 -25.61 3.99
CA ILE A 266 20.71 -25.09 2.63
C ILE A 266 20.55 -23.56 2.58
N VAL A 267 20.87 -22.98 1.43
CA VAL A 267 20.60 -21.55 1.22
C VAL A 267 19.36 -21.35 0.38
N ASP A 268 18.33 -20.74 0.96
CA ASP A 268 17.03 -20.72 0.30
C ASP A 268 16.34 -19.36 0.26
N SER A 269 16.38 -18.70 -0.90
CA SER A 269 15.76 -17.39 -1.07
C SER A 269 14.23 -17.43 -0.99
N GLY A 270 13.64 -18.62 -1.08
CA GLY A 270 12.20 -18.71 -1.11
C GLY A 270 11.57 -19.04 0.24
N THR A 271 12.40 -19.07 1.28
CA THR A 271 11.94 -19.27 2.66
C THR A 271 12.23 -18.02 3.49
N THR A 272 11.25 -17.59 4.28
CA THR A 272 11.36 -16.33 5.03
C THR A 272 12.43 -16.42 6.11
N ASN A 273 12.30 -17.44 6.94
CA ASN A 273 13.01 -17.52 8.20
C ASN A 273 14.40 -18.09 8.11
N LEU A 274 15.14 -17.91 9.20
CA LEU A 274 16.27 -18.79 9.48
C LEU A 274 15.66 -19.96 10.23
N ARG A 275 15.64 -21.13 9.59
CA ARG A 275 15.09 -22.31 10.20
C ARG A 275 16.25 -23.17 10.69
N LEU A 276 16.17 -23.64 11.94
CA LEU A 276 17.22 -24.43 12.55
C LEU A 276 16.69 -25.81 12.96
N PRO A 277 17.54 -26.85 12.90
CA PRO A 277 17.10 -28.18 13.35
C PRO A 277 16.60 -28.07 14.78
N LYS A 278 15.59 -28.85 15.14
CA LYS A 278 14.92 -28.68 16.44
C LYS A 278 15.87 -28.50 17.64
N LYS A 279 16.84 -29.39 17.79
CA LYS A 279 17.77 -29.32 18.92
C LYS A 279 18.52 -27.98 18.94
N VAL A 280 18.92 -27.52 17.77
CA VAL A 280 19.69 -26.29 17.66
C VAL A 280 18.77 -25.09 17.91
N PHE A 281 17.55 -25.18 17.42
CA PHE A 281 16.57 -24.13 17.67
C PHE A 281 16.38 -23.93 19.16
N GLU A 282 16.17 -25.01 19.89
CA GLU A 282 15.95 -24.88 21.34
C GLU A 282 17.15 -24.23 22.04
N ALA A 283 18.36 -24.63 21.66
CA ALA A 283 19.55 -24.08 22.31
C ALA A 283 19.70 -22.61 21.95
N ALA A 284 19.43 -22.28 20.69
CA ALA A 284 19.54 -20.89 20.24
C ALA A 284 18.56 -19.98 20.98
N VAL A 285 17.32 -20.43 21.14
CA VAL A 285 16.34 -19.63 21.84
C VAL A 285 16.77 -19.38 23.28
N LYS A 286 17.31 -20.41 23.92
CA LYS A 286 17.74 -20.27 25.31
C LYS A 286 18.88 -19.26 25.42
N SER A 287 19.80 -19.30 24.47
CA SER A 287 20.94 -18.38 24.48
C SER A 287 20.50 -16.94 24.18
N ILE A 288 19.64 -16.78 23.17
CA ILE A 288 19.07 -15.48 22.82
C ILE A 288 18.28 -14.89 24.00
N LYS A 289 17.51 -15.73 24.70
CA LYS A 289 16.81 -15.31 25.91
C LYS A 289 17.76 -14.76 26.96
N ALA A 290 18.81 -15.52 27.25
CA ALA A 290 19.79 -15.14 28.24
C ALA A 290 20.46 -13.81 27.84
N ALA A 291 20.81 -13.69 26.57
CA ALA A 291 21.43 -12.47 26.07
C ALA A 291 20.53 -11.24 26.18
N SER A 292 19.22 -11.42 26.00
CA SER A 292 18.31 -10.30 26.01
C SER A 292 17.73 -10.13 27.42
N SER A 293 18.64 -9.98 28.38
CA SER A 293 18.34 -9.99 29.82
C SER A 293 17.36 -8.93 30.30
N THR A 294 17.45 -7.72 29.77
CA THR A 294 16.69 -6.61 30.31
C THR A 294 15.20 -6.71 30.03
N GLU A 295 14.77 -7.76 29.34
CA GLU A 295 13.39 -7.88 28.92
C GLU A 295 12.96 -9.33 28.89
N LYS A 296 11.76 -9.62 29.39
CA LYS A 296 11.23 -10.98 29.31
C LYS A 296 10.13 -11.08 28.28
N PHE A 297 10.21 -12.10 27.43
CA PHE A 297 9.26 -12.24 26.33
C PHE A 297 8.46 -13.52 26.56
N PRO A 298 7.19 -13.52 26.16
CA PRO A 298 6.37 -14.72 26.42
C PRO A 298 6.77 -15.90 25.53
N ASP A 299 6.49 -17.13 25.93
CA ASP A 299 6.82 -18.31 25.14
C ASP A 299 6.25 -18.18 23.73
N GLY A 300 5.05 -17.61 23.63
CA GLY A 300 4.42 -17.46 22.33
C GLY A 300 5.23 -16.61 21.38
N PHE A 301 5.94 -15.62 21.89
CA PHE A 301 6.75 -14.78 21.02
C PHE A 301 7.86 -15.60 20.33
N TRP A 302 8.53 -16.47 21.10
CA TRP A 302 9.66 -17.24 20.59
C TRP A 302 9.16 -18.32 19.63
N LEU A 303 7.86 -18.62 19.68
CA LEU A 303 7.27 -19.57 18.74
C LEU A 303 6.64 -18.90 17.51
N GLY A 304 6.79 -17.58 17.41
CA GLY A 304 6.29 -16.82 16.29
C GLY A 304 4.78 -16.62 16.29
N GLU A 305 4.16 -16.75 17.44
CA GLU A 305 2.70 -16.65 17.56
C GLU A 305 2.26 -15.30 18.10
N GLN A 306 3.20 -14.53 18.63
CA GLN A 306 2.87 -13.23 19.19
C GLN A 306 3.84 -12.21 18.63
N LEU A 307 3.35 -11.02 18.31
CA LEU A 307 4.21 -9.93 17.87
C LEU A 307 4.68 -9.14 19.08
N VAL A 308 5.86 -8.53 18.97
CA VAL A 308 6.32 -7.56 19.95
C VAL A 308 6.20 -6.19 19.31
N CYS A 309 5.66 -5.22 20.05
CA CYS A 309 5.41 -3.91 19.47
C CYS A 309 6.01 -2.80 20.35
N TRP A 310 6.54 -1.77 19.72
CA TRP A 310 7.04 -0.58 20.41
C TRP A 310 6.54 0.65 19.70
N GLN A 311 6.53 1.78 20.41
CA GLN A 311 6.22 3.06 19.80
C GLN A 311 7.12 3.27 18.59
N ALA A 312 6.54 3.70 17.49
CA ALA A 312 7.29 3.92 16.27
C ALA A 312 8.58 4.69 16.55
N GLY A 313 9.71 4.13 16.12
CA GLY A 313 10.99 4.80 16.25
C GLY A 313 11.79 4.46 17.49
N THR A 314 11.18 3.74 18.42
CA THR A 314 11.83 3.44 19.70
C THR A 314 12.27 1.98 19.87
N THR A 315 12.27 1.21 18.79
CA THR A 315 12.69 -0.20 18.88
C THR A 315 14.07 -0.29 19.51
N PRO A 316 14.16 -1.00 20.64
CA PRO A 316 15.42 -1.14 21.37
C PRO A 316 16.29 -2.28 20.84
N TRP A 317 16.77 -2.15 19.60
CA TRP A 317 17.55 -3.20 18.96
C TRP A 317 18.66 -3.72 19.85
N ASN A 318 19.26 -2.81 20.63
CA ASN A 318 20.36 -3.13 21.52
C ASN A 318 20.10 -4.26 22.50
N ILE A 319 18.83 -4.48 22.81
CA ILE A 319 18.39 -5.58 23.67
C ILE A 319 18.74 -6.95 23.10
N PHE A 320 18.62 -7.08 21.78
CA PHE A 320 18.79 -8.38 21.14
C PHE A 320 20.23 -8.55 20.65
N PRO A 321 20.74 -9.80 20.68
CA PRO A 321 22.12 -10.12 20.28
C PRO A 321 22.28 -10.23 18.78
N VAL A 322 23.50 -10.07 18.29
CA VAL A 322 23.78 -10.49 16.91
C VAL A 322 23.97 -11.98 16.90
N ILE A 323 23.89 -12.57 15.72
CA ILE A 323 23.98 -14.02 15.58
C ILE A 323 24.93 -14.33 14.47
N SER A 324 25.92 -15.16 14.76
CA SER A 324 26.95 -15.51 13.78
C SER A 324 26.92 -17.00 13.42
N LEU A 325 26.91 -17.27 12.11
CA LEU A 325 27.11 -18.62 11.63
C LEU A 325 28.51 -18.72 10.98
N TYR A 326 29.35 -19.65 11.44
CA TYR A 326 30.63 -19.86 10.76
C TYR A 326 30.41 -20.90 9.67
N LEU A 327 30.92 -20.62 8.47
CA LEU A 327 30.81 -21.53 7.34
C LEU A 327 32.14 -22.12 6.92
N MET A 328 32.11 -23.38 6.50
CA MET A 328 33.31 -24.03 6.00
C MET A 328 33.96 -23.22 4.86
N GLY A 329 35.26 -22.98 4.96
CA GLY A 329 35.95 -22.22 3.94
C GLY A 329 36.51 -23.10 2.82
N GLU A 330 37.11 -22.46 1.81
CA GLU A 330 37.66 -23.20 0.66
C GLU A 330 39.05 -23.78 0.93
N VAL A 331 39.63 -23.43 2.07
CA VAL A 331 40.97 -23.84 2.43
C VAL A 331 40.98 -24.65 3.72
N THR A 332 41.83 -25.66 3.78
CA THR A 332 41.93 -26.56 4.93
C THR A 332 42.00 -25.85 6.28
N ASN A 333 41.10 -26.24 7.20
CA ASN A 333 41.05 -25.68 8.56
C ASN A 333 40.70 -24.20 8.62
N GLN A 334 40.19 -23.65 7.51
CA GLN A 334 39.81 -22.26 7.47
C GLN A 334 38.29 -22.08 7.34
N SER A 335 37.72 -21.26 8.22
CA SER A 335 36.29 -20.91 8.16
C SER A 335 36.13 -19.40 8.11
N PHE A 336 34.94 -18.94 7.77
CA PHE A 336 34.62 -17.51 7.89
C PHE A 336 33.28 -17.40 8.57
N ARG A 337 32.96 -16.22 9.09
CA ARG A 337 31.63 -16.06 9.66
C ARG A 337 30.81 -14.94 9.06
N ILE A 338 29.51 -15.18 9.01
CA ILE A 338 28.55 -14.17 8.62
C ILE A 338 27.73 -13.85 9.87
N THR A 339 27.50 -12.57 10.11
CA THR A 339 26.79 -12.10 11.29
C THR A 339 25.58 -11.31 10.86
N ILE A 340 24.43 -11.63 11.45
CA ILE A 340 23.21 -10.89 11.19
C ILE A 340 22.74 -10.15 12.46
N LEU A 341 21.94 -9.11 12.26
CA LEU A 341 21.39 -8.27 13.35
C LEU A 341 19.97 -8.65 13.68
N PRO A 342 19.47 -8.19 14.83
CA PRO A 342 18.02 -8.37 15.03
C PRO A 342 17.16 -7.69 13.94
N GLN A 343 17.66 -6.63 13.31
CA GLN A 343 16.92 -6.05 12.19
C GLN A 343 16.64 -7.12 11.08
N GLN A 344 17.44 -8.18 11.06
CA GLN A 344 17.19 -9.28 10.11
C GLN A 344 16.20 -10.30 10.67
N TYR A 345 16.41 -10.71 11.92
CA TYR A 345 15.61 -11.82 12.46
C TYR A 345 14.35 -11.44 13.20
N LEU A 346 14.17 -10.13 13.43
CA LEU A 346 12.89 -9.59 13.90
C LEU A 346 12.24 -8.89 12.72
N ARG A 347 11.26 -9.55 12.11
CA ARG A 347 10.72 -9.06 10.86
C ARG A 347 9.48 -8.21 11.11
N PRO A 348 9.42 -7.05 10.45
CA PRO A 348 8.35 -6.08 10.69
C PRO A 348 7.05 -6.55 10.07
N VAL A 349 5.97 -6.47 10.83
CA VAL A 349 4.66 -6.92 10.38
C VAL A 349 3.75 -5.72 10.20
N GLU A 350 3.11 -5.63 9.04
CA GLU A 350 2.19 -4.54 8.72
C GLU A 350 0.77 -5.06 8.54
N SER A 355 -0.39 2.53 11.61
CA SER A 355 -0.52 3.02 12.98
C SER A 355 0.80 3.56 13.52
N GLN A 356 0.82 3.88 14.81
CA GLN A 356 1.98 4.54 15.41
C GLN A 356 2.89 3.56 16.13
N ASP A 357 2.83 2.28 15.77
CA ASP A 357 3.68 1.29 16.40
C ASP A 357 4.46 0.47 15.38
N ASP A 358 5.64 0.02 15.80
CA ASP A 358 6.42 -0.91 15.02
C ASP A 358 6.28 -2.28 15.66
N CYS A 359 5.73 -3.23 14.92
CA CYS A 359 5.53 -4.56 15.45
C CYS A 359 6.40 -5.56 14.68
N TYR A 360 6.90 -6.56 15.39
CA TYR A 360 7.81 -7.53 14.81
C TYR A 360 7.46 -8.97 15.17
N LYS A 361 7.76 -9.87 14.24
CA LYS A 361 7.64 -11.29 14.48
C LYS A 361 9.05 -11.89 14.59
N PHE A 362 9.26 -12.77 15.55
CA PHE A 362 10.53 -13.46 15.69
C PHE A 362 10.65 -14.46 14.54
N ALA A 363 11.65 -14.31 13.69
CA ALA A 363 11.71 -15.11 12.47
C ALA A 363 12.85 -16.12 12.43
N ILE A 364 13.18 -16.67 13.59
CA ILE A 364 14.01 -17.85 13.69
C ILE A 364 13.04 -18.95 14.15
N SER A 365 13.03 -20.08 13.45
CA SER A 365 12.05 -21.11 13.75
C SER A 365 12.60 -22.53 13.66
N GLN A 366 11.85 -23.50 14.17
CA GLN A 366 12.34 -24.87 14.18
C GLN A 366 12.13 -25.52 12.81
N SER A 367 12.95 -26.53 12.51
CA SER A 367 12.86 -27.33 11.28
C SER A 367 13.02 -28.80 11.60
N SER A 368 12.32 -29.65 10.83
CA SER A 368 12.46 -31.09 10.94
C SER A 368 13.33 -31.67 9.81
N THR A 369 13.76 -30.80 8.89
CA THR A 369 14.47 -31.22 7.69
C THR A 369 15.76 -30.43 7.45
N GLY A 370 16.42 -30.02 8.53
CA GLY A 370 17.70 -29.35 8.48
C GLY A 370 17.60 -27.84 8.54
N THR A 371 18.77 -27.20 8.55
CA THR A 371 18.85 -25.75 8.58
C THR A 371 18.43 -25.17 7.25
N VAL A 372 17.71 -24.06 7.29
CA VAL A 372 17.40 -23.30 6.09
C VAL A 372 17.83 -21.85 6.30
N MET A 373 18.81 -21.43 5.53
CA MET A 373 19.26 -20.06 5.59
C MET A 373 18.38 -19.26 4.66
N GLY A 374 17.28 -18.74 5.21
CA GLY A 374 16.28 -18.06 4.40
C GLY A 374 16.53 -16.58 4.23
N ALA A 375 15.47 -15.83 3.93
CA ALA A 375 15.60 -14.38 3.74
C ALA A 375 16.26 -13.71 4.94
N VAL A 376 15.97 -14.21 6.14
CA VAL A 376 16.56 -13.66 7.35
C VAL A 376 18.09 -13.57 7.23
N ILE A 377 18.72 -14.60 6.66
CA ILE A 377 20.16 -14.60 6.47
C ILE A 377 20.51 -13.81 5.22
N MET A 378 19.84 -14.12 4.11
CA MET A 378 20.20 -13.53 2.82
C MET A 378 20.11 -12.00 2.73
N GLU A 379 19.18 -11.41 3.48
CA GLU A 379 19.00 -9.97 3.46
C GLU A 379 20.21 -9.19 3.99
N GLY A 380 21.10 -9.86 4.71
CA GLY A 380 22.30 -9.19 5.17
C GLY A 380 23.40 -9.18 4.11
N PHE A 381 23.23 -9.99 3.07
CA PHE A 381 24.36 -10.31 2.21
C PHE A 381 24.08 -10.26 0.71
N TYR A 382 25.15 -10.05 -0.04
CA TYR A 382 25.15 -10.29 -1.47
C TYR A 382 25.65 -11.72 -1.57
N VAL A 383 24.85 -12.59 -2.19
CA VAL A 383 25.14 -14.01 -2.21
C VAL A 383 25.37 -14.48 -3.64
N VAL A 384 26.53 -15.07 -3.87
CA VAL A 384 26.91 -15.50 -5.20
C VAL A 384 26.77 -17.00 -5.32
N PHE A 385 25.84 -17.42 -6.15
CA PHE A 385 25.69 -18.85 -6.44
C PHE A 385 26.59 -19.25 -7.61
N ASP A 386 27.81 -19.64 -7.27
CA ASP A 386 28.86 -19.93 -8.25
C ASP A 386 28.79 -21.41 -8.60
N ARG A 387 27.84 -21.76 -9.44
CA ARG A 387 27.63 -23.14 -9.86
C ARG A 387 28.86 -23.68 -10.61
N ALA A 388 29.45 -22.87 -11.48
CA ALA A 388 30.65 -23.27 -12.21
C ALA A 388 31.78 -23.75 -11.30
N ARG A 389 31.98 -23.04 -10.19
CA ARG A 389 33.04 -23.41 -9.26
C ARG A 389 32.54 -24.14 -8.01
N LYS A 390 31.27 -24.56 -8.03
CA LYS A 390 30.68 -25.34 -6.94
C LYS A 390 30.91 -24.68 -5.58
N ARG A 391 30.51 -23.42 -5.46
CA ARG A 391 30.74 -22.65 -4.24
C ARG A 391 29.72 -21.54 -4.10
N ILE A 392 29.49 -21.10 -2.86
CA ILE A 392 28.60 -19.99 -2.58
C ILE A 392 29.41 -18.88 -1.92
N GLY A 393 29.34 -17.69 -2.47
CA GLY A 393 30.06 -16.55 -1.90
C GLY A 393 29.16 -15.65 -1.06
N PHE A 394 29.70 -15.11 0.03
CA PHE A 394 28.99 -14.14 0.84
C PHE A 394 29.82 -12.87 0.99
N ALA A 395 29.17 -11.73 0.82
CA ALA A 395 29.77 -10.43 1.15
C ALA A 395 28.72 -9.55 1.82
N VAL A 396 29.15 -8.56 2.60
CA VAL A 396 28.20 -7.60 3.18
C VAL A 396 27.43 -6.87 2.09
N SER A 397 26.11 -6.89 2.20
CA SER A 397 25.24 -6.28 1.21
C SER A 397 25.27 -4.76 1.34
N ALA A 398 25.29 -4.06 0.21
CA ALA A 398 25.26 -2.60 0.21
C ALA A 398 23.88 -2.05 0.59
N CYS A 399 22.89 -2.93 0.72
CA CYS A 399 21.53 -2.48 1.00
C CYS A 399 20.94 -3.02 2.31
N HIS A 400 21.74 -3.76 3.08
CA HIS A 400 21.19 -4.40 4.28
C HIS A 400 20.75 -3.40 5.36
N VAL A 401 19.69 -3.77 6.10
CA VAL A 401 19.12 -2.94 7.15
C VAL A 401 19.96 -3.07 8.42
N HIS A 402 20.31 -1.93 9.02
CA HIS A 402 21.14 -1.93 10.22
C HIS A 402 20.99 -0.60 10.95
N ASP A 403 21.87 -0.36 11.92
CA ASP A 403 21.80 0.87 12.69
C ASP A 403 23.17 1.53 12.83
N GLU A 404 23.23 2.61 13.59
CA GLU A 404 24.47 3.39 13.67
C GLU A 404 25.56 2.70 14.47
N PHE A 405 25.21 1.62 15.18
CA PHE A 405 26.19 0.91 16.02
C PHE A 405 26.62 -0.46 15.52
N ARG A 406 25.71 -1.20 14.89
CA ARG A 406 26.05 -2.54 14.46
C ARG A 406 25.72 -2.76 13.00
N THR A 407 26.40 -3.69 12.37
CA THR A 407 26.20 -3.95 10.95
C THR A 407 26.33 -5.43 10.69
N ALA A 408 25.63 -5.92 9.67
CA ALA A 408 25.83 -7.28 9.21
C ALA A 408 27.29 -7.35 8.81
N ALA A 409 27.88 -8.54 8.90
CA ALA A 409 29.33 -8.68 8.68
C ALA A 409 29.70 -10.01 8.03
N VAL A 410 30.80 -9.99 7.27
CA VAL A 410 31.41 -11.23 6.77
C VAL A 410 32.91 -11.12 7.05
N GLU A 411 33.45 -11.99 7.91
CA GLU A 411 34.83 -11.89 8.35
C GLU A 411 35.54 -13.23 8.43
N GLY A 412 36.85 -13.21 8.18
CA GLY A 412 37.67 -14.38 8.35
C GLY A 412 39.11 -13.97 8.14
N PRO A 413 40.03 -14.92 8.20
CA PRO A 413 39.76 -16.35 8.44
C PRO A 413 39.72 -16.67 9.93
N PHE A 414 39.03 -17.75 10.24
CA PHE A 414 39.09 -18.36 11.57
C PHE A 414 39.59 -19.81 11.44
N VAL A 415 40.23 -20.30 12.48
CA VAL A 415 40.76 -21.65 12.49
C VAL A 415 39.75 -22.61 13.08
N THR A 416 39.42 -23.64 12.32
CA THR A 416 38.43 -24.64 12.74
C THR A 416 38.90 -25.98 12.20
N LEU A 417 39.15 -26.93 13.08
CA LEU A 417 39.69 -28.22 12.68
C LEU A 417 38.58 -29.20 12.32
N ASP A 418 38.89 -30.17 11.48
CA ASP A 418 37.97 -31.26 11.18
C ASP A 418 36.59 -30.76 10.75
N MET A 419 36.56 -29.74 9.89
CA MET A 419 35.30 -29.14 9.48
C MET A 419 34.44 -30.12 8.70
N GLU A 420 35.09 -31.02 7.97
CA GLU A 420 34.36 -31.94 7.10
C GLU A 420 33.47 -32.85 7.93
N ASP A 421 33.92 -33.14 9.15
CA ASP A 421 33.17 -33.95 10.11
C ASP A 421 31.86 -33.29 10.55
N CYS A 422 31.70 -32.00 10.23
CA CYS A 422 30.48 -31.28 10.62
C CYS A 422 29.31 -31.63 9.70
N GLY A 423 29.61 -32.25 8.56
CA GLY A 423 28.57 -32.68 7.65
C GLY A 423 27.86 -33.88 8.21
N TYR A 424 26.55 -33.95 8.01
CA TYR A 424 25.79 -35.13 8.41
C TYR A 424 25.70 -36.05 7.19
N ASN A 425 25.81 -37.35 7.44
CA ASN A 425 25.86 -38.31 6.34
C ASN A 425 24.52 -39.05 6.03
N ILE A 426 23.86 -38.47 5.02
CA ILE A 426 22.58 -38.90 4.46
C ILE A 426 21.39 -38.15 5.07
N PHE B 39 -28.61 34.54 -8.20
CA PHE B 39 -27.48 33.76 -7.72
C PHE B 39 -26.31 34.67 -7.38
N VAL B 40 -26.37 35.91 -7.85
CA VAL B 40 -25.30 36.87 -7.61
C VAL B 40 -25.16 37.15 -6.12
N GLU B 41 -26.28 37.05 -5.39
CA GLU B 41 -26.29 37.30 -3.94
C GLU B 41 -25.71 36.14 -3.14
N MET B 42 -25.53 35.01 -3.80
CA MET B 42 -24.96 33.83 -3.15
C MET B 42 -23.47 33.69 -3.45
N VAL B 43 -22.99 34.45 -4.42
CA VAL B 43 -21.56 34.47 -4.70
C VAL B 43 -20.78 34.89 -3.46
N ASP B 44 -19.72 34.16 -3.17
CA ASP B 44 -18.83 34.44 -2.03
C ASP B 44 -19.46 34.18 -0.67
N ASN B 45 -20.46 33.31 -0.60
CA ASN B 45 -21.12 33.09 0.68
C ASN B 45 -20.41 32.08 1.59
N LEU B 46 -19.31 31.52 1.10
CA LEU B 46 -18.49 30.60 1.91
C LEU B 46 -17.18 31.23 2.41
N ARG B 47 -16.80 30.87 3.64
CA ARG B 47 -15.55 31.31 4.24
C ARG B 47 -14.86 30.11 4.87
N GLY B 48 -13.67 30.32 5.42
CA GLY B 48 -12.94 29.25 6.07
C GLY B 48 -11.61 29.74 6.60
N LYS B 49 -11.18 29.19 7.73
CA LYS B 49 -9.91 29.59 8.35
C LYS B 49 -8.78 28.70 7.86
N SER B 50 -8.72 28.51 6.55
CA SER B 50 -7.58 27.88 5.90
C SER B 50 -7.34 26.43 6.33
N GLY B 51 -7.83 25.50 5.52
CA GLY B 51 -7.64 24.08 5.79
C GLY B 51 -8.43 23.58 6.99
N GLN B 52 -9.41 24.36 7.43
CA GLN B 52 -10.23 23.90 8.53
C GLN B 52 -11.72 23.77 8.19
N GLY B 53 -12.07 23.99 6.93
CA GLY B 53 -13.40 23.67 6.43
C GLY B 53 -14.15 24.87 5.87
N TYR B 54 -15.03 24.63 4.89
CA TYR B 54 -15.79 25.73 4.29
C TYR B 54 -17.15 25.83 4.95
N TYR B 55 -17.48 27.02 5.44
CA TYR B 55 -18.75 27.20 6.12
C TYR B 55 -19.60 28.33 5.56
N VAL B 56 -20.91 28.21 5.78
CA VAL B 56 -21.87 29.20 5.33
C VAL B 56 -22.61 29.74 6.57
N GLU B 57 -23.00 31.00 6.54
CA GLU B 57 -23.75 31.54 7.68
C GLU B 57 -25.20 31.05 7.62
N MET B 58 -25.72 30.60 8.75
CA MET B 58 -27.13 30.22 8.86
C MET B 58 -27.76 30.80 10.13
N THR B 59 -29.08 30.93 10.15
CA THR B 59 -29.75 31.34 11.37
C THR B 59 -30.75 30.26 11.75
N VAL B 60 -30.88 30.02 13.04
CA VAL B 60 -31.82 29.03 13.54
C VAL B 60 -32.66 29.68 14.65
N GLY B 61 -33.94 29.34 14.68
CA GLY B 61 -34.77 29.73 15.79
C GLY B 61 -35.44 31.09 15.64
N SER B 62 -36.22 31.44 16.65
CA SER B 62 -36.92 32.71 16.68
C SER B 62 -36.85 33.32 18.07
N PRO B 63 -36.27 34.52 18.18
CA PRO B 63 -35.68 35.24 17.05
C PRO B 63 -34.42 34.51 16.58
N PRO B 64 -33.92 34.82 15.37
CA PRO B 64 -32.84 34.01 14.80
C PRO B 64 -31.52 34.09 15.56
N GLN B 65 -30.87 32.94 15.74
CA GLN B 65 -29.52 32.89 16.30
C GLN B 65 -28.55 32.59 15.15
N THR B 66 -27.52 33.41 14.97
CA THR B 66 -26.61 33.21 13.85
C THR B 66 -25.56 32.14 14.18
N LEU B 67 -25.35 31.19 13.25
CA LEU B 67 -24.24 30.23 13.37
C LEU B 67 -23.54 30.01 12.04
N ASN B 68 -22.24 29.71 12.10
CA ASN B 68 -21.47 29.30 10.92
C ASN B 68 -21.49 27.79 10.79
N ILE B 69 -21.88 27.30 9.62
CA ILE B 69 -22.18 25.89 9.45
C ILE B 69 -21.34 25.26 8.36
N LEU B 70 -20.59 24.21 8.70
CA LEU B 70 -19.72 23.54 7.74
C LEU B 70 -20.54 22.90 6.64
N VAL B 71 -20.19 23.16 5.39
CA VAL B 71 -20.88 22.53 4.27
C VAL B 71 -20.32 21.14 3.97
N ASP B 72 -21.16 20.11 4.12
CA ASP B 72 -20.70 18.71 4.08
C ASP B 72 -21.52 17.80 3.16
N THR B 73 -21.03 17.55 1.95
CA THR B 73 -21.75 16.66 1.05
C THR B 73 -21.53 15.18 1.41
N GLY B 74 -20.72 14.94 2.43
CA GLY B 74 -20.41 13.58 2.84
C GLY B 74 -21.25 13.03 4.00
N SER B 75 -22.33 13.72 4.35
CA SER B 75 -23.26 13.24 5.38
C SER B 75 -24.65 13.86 5.19
N SER B 76 -25.63 13.44 5.99
CA SER B 76 -27.01 13.87 5.74
C SER B 76 -27.76 14.43 6.97
N ASN B 77 -27.03 14.67 8.07
CA ASN B 77 -27.61 15.30 9.25
C ASN B 77 -27.21 16.76 9.39
N PHE B 78 -28.19 17.59 9.72
CA PHE B 78 -27.95 18.96 10.15
C PHE B 78 -27.80 19.00 11.67
N ALA B 79 -26.65 19.46 12.15
CA ALA B 79 -26.36 19.46 13.58
C ALA B 79 -25.60 20.71 14.01
N VAL B 80 -25.93 21.24 15.17
CA VAL B 80 -25.23 22.42 15.70
C VAL B 80 -24.81 22.22 17.14
N GLY B 81 -23.68 22.81 17.52
CA GLY B 81 -23.26 22.85 18.92
C GLY B 81 -24.37 23.48 19.74
N ALA B 82 -24.67 22.90 20.90
CA ALA B 82 -25.80 23.35 21.71
C ALA B 82 -25.47 23.46 23.19
N ALA B 83 -24.19 23.32 23.51
CA ALA B 83 -23.68 23.58 24.86
C ALA B 83 -22.28 24.15 24.69
N PRO B 84 -21.78 24.89 25.70
CA PRO B 84 -20.43 25.46 25.59
C PRO B 84 -19.37 24.40 25.31
N HIS B 85 -18.32 24.77 24.60
CA HIS B 85 -17.24 23.87 24.22
C HIS B 85 -16.00 24.74 24.03
N PRO B 86 -14.82 24.21 24.37
CA PRO B 86 -13.58 24.98 24.28
C PRO B 86 -13.38 25.67 22.93
N PHE B 87 -13.74 24.97 21.84
CA PHE B 87 -13.52 25.47 20.49
C PHE B 87 -14.72 26.24 19.93
N LEU B 88 -15.76 26.41 20.73
CA LEU B 88 -16.96 27.12 20.30
C LEU B 88 -17.04 28.56 20.83
N HIS B 89 -17.20 29.51 19.91
CA HIS B 89 -17.41 30.89 20.30
C HIS B 89 -18.89 31.13 20.58
N ARG B 90 -19.73 30.19 20.15
CA ARG B 90 -21.17 30.33 20.33
C ARG B 90 -21.89 29.03 20.01
N TYR B 91 -23.16 28.95 20.40
CA TYR B 91 -23.91 27.71 20.25
C TYR B 91 -25.40 27.94 20.26
N TYR B 92 -26.14 26.97 19.75
CA TYR B 92 -27.60 27.01 19.69
C TYR B 92 -28.16 26.93 21.10
N GLN B 93 -29.02 27.89 21.45
CA GLN B 93 -29.71 27.85 22.73
C GLN B 93 -31.18 27.63 22.46
N ARG B 94 -31.63 26.37 22.60
CA ARG B 94 -32.99 25.98 22.23
C ARG B 94 -34.06 26.68 23.07
N GLN B 95 -33.74 26.94 24.32
CA GLN B 95 -34.71 27.50 25.25
C GLN B 95 -35.04 28.95 24.91
N LEU B 96 -34.21 29.57 24.07
CA LEU B 96 -34.42 30.96 23.67
C LEU B 96 -35.20 31.07 22.36
N SER B 97 -35.61 29.93 21.82
CA SER B 97 -36.31 29.93 20.54
C SER B 97 -37.78 29.56 20.73
N SER B 98 -38.67 30.45 20.28
CA SER B 98 -40.10 30.24 20.46
C SER B 98 -40.66 29.27 19.42
N THR B 99 -39.85 28.92 18.43
CA THR B 99 -40.28 28.01 17.37
C THR B 99 -39.69 26.60 17.48
N TYR B 100 -38.84 26.38 18.48
CA TYR B 100 -38.22 25.07 18.69
C TYR B 100 -39.22 24.00 19.17
N ARG B 101 -39.19 22.83 18.55
CA ARG B 101 -39.93 21.66 19.04
C ARG B 101 -38.94 20.55 19.34
N ASP B 102 -39.00 19.99 20.53
CA ASP B 102 -38.17 18.84 20.92
C ASP B 102 -38.75 17.57 20.33
N LEU B 103 -37.92 16.72 19.76
CA LEU B 103 -38.40 15.44 19.23
C LEU B 103 -38.27 14.31 20.25
N ARG B 104 -37.66 14.60 21.38
CA ARG B 104 -37.54 13.62 22.47
C ARG B 104 -36.92 12.30 21.98
N LYS B 105 -35.82 12.42 21.23
CA LYS B 105 -35.12 11.25 20.71
C LYS B 105 -33.65 11.63 20.53
N GLY B 106 -32.74 10.73 20.91
CA GLY B 106 -31.32 11.04 20.81
C GLY B 106 -30.75 10.58 19.49
N VAL B 107 -29.53 11.00 19.18
CA VAL B 107 -28.88 10.58 17.95
C VAL B 107 -27.36 10.60 18.12
N TYR B 108 -26.70 9.64 17.47
CA TYR B 108 -25.24 9.54 17.45
C TYR B 108 -24.78 9.50 15.99
N VAL B 109 -23.80 10.32 15.67
CA VAL B 109 -23.25 10.34 14.31
C VAL B 109 -21.74 10.18 14.35
N PRO B 110 -21.23 9.05 13.85
CA PRO B 110 -19.78 8.87 13.75
C PRO B 110 -19.28 9.27 12.36
N TYR B 111 -18.20 10.03 12.28
CA TYR B 111 -17.56 10.35 11.01
C TYR B 111 -16.23 9.60 10.91
N THR B 112 -15.64 9.61 9.72
CA THR B 112 -14.31 9.08 9.54
C THR B 112 -13.37 9.77 10.53
N GLN B 113 -13.52 11.08 10.65
CA GLN B 113 -12.79 11.85 11.64
C GLN B 113 -13.76 12.47 12.64
N GLY B 114 -13.75 11.97 13.87
CA GLY B 114 -14.58 12.54 14.93
C GLY B 114 -15.99 11.99 14.99
N ALA B 115 -16.73 12.40 16.02
CA ALA B 115 -18.11 11.96 16.21
C ALA B 115 -18.83 12.88 17.18
N TRP B 116 -20.15 12.83 17.17
CA TRP B 116 -20.93 13.63 18.11
C TRP B 116 -22.25 12.95 18.44
N ALA B 117 -22.83 13.35 19.57
CA ALA B 117 -24.15 12.89 19.94
C ALA B 117 -24.95 14.07 20.45
N GLY B 118 -26.26 14.03 20.26
CA GLY B 118 -27.09 15.10 20.73
C GLY B 118 -28.56 14.72 20.71
N GLU B 119 -29.41 15.73 20.77
CA GLU B 119 -30.83 15.50 20.88
C GLU B 119 -31.52 16.08 19.65
N LEU B 120 -32.44 15.30 19.10
CA LEU B 120 -33.14 15.72 17.90
C LEU B 120 -34.22 16.72 18.23
N GLY B 121 -34.50 17.59 17.26
CA GLY B 121 -35.59 18.54 17.36
C GLY B 121 -35.84 19.16 16.01
N THR B 122 -36.72 20.15 15.97
CA THR B 122 -36.96 20.90 14.75
C THR B 122 -37.04 22.39 15.10
N ASP B 123 -36.75 23.22 14.11
CA ASP B 123 -36.83 24.68 14.31
C ASP B 123 -36.74 25.36 12.96
N LEU B 124 -37.02 26.66 12.90
CA LEU B 124 -36.96 27.39 11.65
C LEU B 124 -35.49 27.67 11.31
N VAL B 125 -35.13 27.55 10.03
CA VAL B 125 -33.75 27.72 9.58
C VAL B 125 -33.69 28.61 8.34
N SER B 126 -32.77 29.57 8.31
CA SER B 126 -32.55 30.42 7.14
C SER B 126 -31.09 30.48 6.74
N ILE B 127 -30.84 30.81 5.48
CA ILE B 127 -29.49 31.05 4.99
C ILE B 127 -29.48 32.49 4.50
N PRO B 128 -28.92 33.40 5.30
CA PRO B 128 -28.97 34.83 4.94
C PRO B 128 -28.42 35.13 3.53
N HIS B 129 -27.34 34.49 3.12
CA HIS B 129 -26.82 34.70 1.77
C HIS B 129 -27.11 33.49 0.92
N GLY B 130 -28.37 33.11 0.92
CA GLY B 130 -28.88 32.04 0.08
C GLY B 130 -30.29 32.44 -0.32
N PRO B 131 -31.12 31.46 -0.67
CA PRO B 131 -32.52 31.75 -1.01
C PRO B 131 -33.20 32.57 0.07
N ASN B 132 -34.13 33.42 -0.35
CA ASN B 132 -34.84 34.29 0.57
C ASN B 132 -36.05 33.57 1.16
N VAL B 133 -35.80 32.51 1.92
CA VAL B 133 -36.86 31.70 2.50
C VAL B 133 -36.42 31.11 3.83
N THR B 134 -37.38 30.90 4.71
CA THR B 134 -37.12 30.31 6.02
C THR B 134 -38.02 29.07 6.12
N VAL B 135 -37.44 27.90 6.40
CA VAL B 135 -38.21 26.66 6.49
C VAL B 135 -37.98 25.96 7.81
N ARG B 136 -38.90 25.09 8.20
CA ARG B 136 -38.68 24.25 9.38
C ARG B 136 -37.87 23.03 8.96
N ALA B 137 -36.86 22.71 9.76
CA ALA B 137 -36.01 21.56 9.46
C ALA B 137 -35.63 20.82 10.73
N ASN B 138 -35.22 19.57 10.56
CA ASN B 138 -34.64 18.81 11.64
C ASN B 138 -33.30 19.40 12.03
N ILE B 139 -33.08 19.55 13.33
CA ILE B 139 -31.79 19.99 13.85
C ILE B 139 -31.35 19.08 15.00
N ALA B 140 -30.12 18.58 14.92
CA ALA B 140 -29.55 17.83 16.03
C ALA B 140 -28.78 18.80 16.89
N ALA B 141 -29.17 18.91 18.15
CA ALA B 141 -28.52 19.76 19.12
C ALA B 141 -27.36 19.01 19.77
N ILE B 142 -26.13 19.37 19.40
CA ILE B 142 -24.95 18.62 19.86
C ILE B 142 -24.62 18.93 21.30
N THR B 143 -24.67 17.91 22.15
CA THR B 143 -24.39 18.09 23.57
C THR B 143 -23.14 17.34 24.00
N GLU B 144 -22.69 16.40 23.16
CA GLU B 144 -21.41 15.72 23.36
C GLU B 144 -20.70 15.46 22.04
N SER B 145 -19.38 15.67 22.02
CA SER B 145 -18.60 15.45 20.82
C SER B 145 -17.16 15.02 21.14
N ASP B 146 -16.53 14.32 20.20
CA ASP B 146 -15.17 13.82 20.37
C ASP B 146 -14.35 14.07 19.10
N LYS B 147 -13.39 14.99 19.19
CA LYS B 147 -12.50 15.27 18.06
C LYS B 147 -13.32 15.63 16.82
N PHE B 148 -14.39 16.39 17.04
CA PHE B 148 -15.23 16.88 15.94
C PHE B 148 -14.96 18.35 15.65
N PHE B 149 -15.23 19.20 16.62
CA PHE B 149 -15.00 20.62 16.46
C PHE B 149 -13.50 20.88 16.34
N ILE B 150 -13.14 21.90 15.59
CA ILE B 150 -11.75 22.17 15.22
C ILE B 150 -11.34 23.54 15.76
N ASN B 151 -10.34 23.55 16.64
CA ASN B 151 -9.89 24.79 17.25
C ASN B 151 -9.53 25.84 16.19
N GLY B 152 -10.20 26.99 16.26
CA GLY B 152 -9.91 28.10 15.37
C GLY B 152 -10.58 28.00 14.01
N SER B 153 -11.47 27.04 13.83
CA SER B 153 -12.11 26.82 12.55
C SER B 153 -13.19 27.85 12.22
N ASN B 154 -13.75 28.47 13.26
CA ASN B 154 -14.86 29.42 13.13
C ASN B 154 -16.22 28.83 12.69
N TRP B 155 -16.37 27.51 12.73
CA TRP B 155 -17.71 26.94 12.53
C TRP B 155 -18.27 26.27 13.78
N GLU B 156 -19.60 26.20 13.85
CA GLU B 156 -20.29 25.74 15.05
C GLU B 156 -21.26 24.60 14.79
N GLY B 157 -21.38 24.20 13.54
CA GLY B 157 -22.25 23.09 13.21
C GLY B 157 -21.95 22.58 11.82
N ILE B 158 -22.74 21.63 11.37
CA ILE B 158 -22.47 20.95 10.11
C ILE B 158 -23.77 20.74 9.34
N LEU B 159 -23.70 20.96 8.03
CA LEU B 159 -24.86 20.78 7.17
C LEU B 159 -24.62 19.60 6.25
N GLY B 160 -25.18 18.46 6.63
CA GLY B 160 -25.11 17.28 5.79
C GLY B 160 -26.02 17.45 4.58
N LEU B 161 -25.44 17.48 3.40
CA LEU B 161 -26.18 17.72 2.17
C LEU B 161 -26.47 16.46 1.36
N ALA B 162 -26.08 15.30 1.88
CA ALA B 162 -26.33 14.05 1.16
C ALA B 162 -27.75 13.52 1.40
N TYR B 163 -28.02 12.30 0.97
CA TYR B 163 -29.41 11.82 0.90
C TYR B 163 -29.92 11.20 2.21
N ALA B 164 -31.25 11.18 2.35
CA ALA B 164 -31.90 10.62 3.55
C ALA B 164 -31.44 9.19 3.85
N GLU B 165 -31.04 8.46 2.81
CA GLU B 165 -30.66 7.06 2.95
C GLU B 165 -29.62 6.85 4.05
N ILE B 166 -28.69 7.79 4.22
CA ILE B 166 -27.68 7.68 5.26
C ILE B 166 -27.87 8.66 6.45
N ALA B 167 -29.03 9.31 6.52
CA ALA B 167 -29.39 10.12 7.70
C ALA B 167 -29.46 9.23 8.95
N ARG B 168 -29.01 9.77 10.08
CA ARG B 168 -29.15 9.08 11.36
C ARG B 168 -30.24 9.77 12.17
N PRO B 169 -31.02 9.02 12.96
CA PRO B 169 -30.90 7.60 13.27
C PRO B 169 -31.39 6.70 12.13
N ASP B 170 -32.12 7.25 11.19
CA ASP B 170 -32.62 6.46 10.07
C ASP B 170 -33.13 7.38 8.97
N ASP B 171 -33.58 6.78 7.87
CA ASP B 171 -33.87 7.54 6.67
C ASP B 171 -35.19 8.28 6.72
N SER B 172 -35.85 8.23 7.88
CA SER B 172 -37.08 8.99 8.05
C SER B 172 -36.77 10.38 8.60
N LEU B 173 -35.52 10.61 9.01
CA LEU B 173 -35.13 11.95 9.48
C LEU B 173 -34.73 12.79 8.28
N GLU B 174 -35.67 13.57 7.78
CA GLU B 174 -35.52 14.36 6.56
C GLU B 174 -34.33 15.33 6.61
N PRO B 175 -33.42 15.24 5.63
CA PRO B 175 -32.28 16.18 5.63
C PRO B 175 -32.70 17.60 5.27
N PHE B 176 -31.87 18.56 5.62
CA PHE B 176 -32.23 19.95 5.39
C PHE B 176 -32.59 20.26 3.94
N PHE B 177 -31.72 19.90 3.00
CA PHE B 177 -31.99 20.24 1.60
C PHE B 177 -33.28 19.62 1.11
N ASP B 178 -33.59 18.41 1.57
CA ASP B 178 -34.88 17.79 1.25
C ASP B 178 -36.05 18.67 1.71
N SER B 179 -35.98 19.17 2.94
CA SER B 179 -37.01 20.07 3.47
C SER B 179 -37.13 21.37 2.67
N LEU B 180 -36.00 21.99 2.39
CA LEU B 180 -35.99 23.23 1.63
C LEU B 180 -36.67 23.02 0.29
N VAL B 181 -36.31 21.94 -0.40
CA VAL B 181 -36.86 21.69 -1.72
C VAL B 181 -38.35 21.34 -1.64
N LYS B 182 -38.74 20.64 -0.58
CA LYS B 182 -40.12 20.20 -0.43
C LYS B 182 -41.06 21.36 -0.13
N GLN B 183 -40.58 22.31 0.67
CA GLN B 183 -41.43 23.38 1.20
C GLN B 183 -41.47 24.64 0.32
N THR B 184 -40.50 24.78 -0.59
CA THR B 184 -40.38 25.96 -1.44
C THR B 184 -40.21 25.59 -2.90
N HIS B 185 -39.93 26.55 -3.75
CA HIS B 185 -39.71 26.26 -5.17
C HIS B 185 -38.23 26.27 -5.59
N VAL B 186 -37.34 26.20 -4.61
CA VAL B 186 -35.91 26.08 -4.90
C VAL B 186 -35.65 24.82 -5.72
N PRO B 187 -35.02 24.96 -6.89
CA PRO B 187 -34.80 23.77 -7.72
C PRO B 187 -33.92 22.76 -6.98
N ASN B 188 -34.07 21.49 -7.31
CA ASN B 188 -33.39 20.43 -6.58
C ASN B 188 -31.94 20.26 -7.05
N LEU B 189 -31.11 21.25 -6.74
CA LEU B 189 -29.74 21.27 -7.22
C LEU B 189 -28.98 22.32 -6.43
N PHE B 190 -27.71 22.05 -6.14
CA PHE B 190 -26.85 23.11 -5.63
C PHE B 190 -25.48 22.93 -6.24
N SER B 191 -24.67 23.97 -6.21
CA SER B 191 -23.33 23.88 -6.78
C SER B 191 -22.34 24.44 -5.78
N LEU B 192 -21.11 23.93 -5.80
CA LEU B 192 -20.07 24.38 -4.87
C LEU B 192 -18.79 24.79 -5.60
N GLN B 193 -18.32 25.98 -5.28
CA GLN B 193 -17.03 26.44 -5.77
C GLN B 193 -16.19 26.68 -4.54
N LEU B 194 -15.33 25.73 -4.19
CA LEU B 194 -14.45 25.94 -3.05
C LEU B 194 -13.14 26.54 -3.54
N CYS B 195 -12.74 27.65 -2.94
CA CYS B 195 -11.51 28.35 -3.35
C CYS B 195 -10.46 28.31 -2.25
N GLY B 196 -9.41 27.52 -2.47
CA GLY B 196 -8.39 27.32 -1.45
C GLY B 196 -7.38 28.45 -1.36
N ALA B 197 -6.29 28.17 -0.65
CA ALA B 197 -5.20 29.13 -0.49
C ALA B 197 -3.94 28.63 -1.20
N SER B 209 -9.41 33.55 5.36
CA SER B 209 -8.32 33.34 4.39
C SER B 209 -8.74 32.39 3.28
N VAL B 210 -9.80 31.62 3.52
CA VAL B 210 -10.34 30.71 2.52
C VAL B 210 -11.76 31.19 2.15
N GLY B 211 -12.20 30.90 0.92
CA GLY B 211 -13.52 31.35 0.47
C GLY B 211 -14.15 30.51 -0.61
N GLY B 212 -15.29 30.98 -1.13
CA GLY B 212 -16.00 30.25 -2.16
C GLY B 212 -17.49 30.54 -2.19
N SER B 213 -18.22 29.72 -2.94
CA SER B 213 -19.64 30.00 -3.19
C SER B 213 -20.46 28.74 -3.12
N MET B 214 -21.55 28.76 -2.35
CA MET B 214 -22.52 27.68 -2.44
C MET B 214 -23.76 28.24 -3.12
N ILE B 215 -23.98 27.87 -4.39
CA ILE B 215 -25.14 28.34 -5.14
C ILE B 215 -26.28 27.37 -4.92
N ILE B 216 -27.27 27.82 -4.17
CA ILE B 216 -28.37 26.99 -3.77
C ILE B 216 -29.52 27.12 -4.75
N GLY B 217 -29.78 26.04 -5.48
CA GLY B 217 -30.90 25.99 -6.40
C GLY B 217 -30.52 26.23 -7.85
N GLY B 218 -29.23 26.28 -8.16
CA GLY B 218 -28.84 26.50 -9.54
C GLY B 218 -27.35 26.51 -9.82
N ILE B 219 -27.02 27.00 -11.02
CA ILE B 219 -25.65 27.05 -11.54
C ILE B 219 -25.33 28.50 -11.88
N ASP B 220 -24.21 29.01 -11.38
CA ASP B 220 -23.77 30.36 -11.70
C ASP B 220 -22.66 30.23 -12.74
N HIS B 221 -22.98 30.62 -13.98
CA HIS B 221 -22.13 30.29 -15.11
C HIS B 221 -20.85 31.11 -15.14
N SER B 222 -20.79 32.17 -14.33
CA SER B 222 -19.59 32.99 -14.25
C SER B 222 -18.52 32.38 -13.34
N LEU B 223 -18.89 31.34 -12.61
CA LEU B 223 -17.95 30.75 -11.64
C LEU B 223 -17.08 29.65 -12.25
N TYR B 224 -17.30 29.33 -13.52
CA TYR B 224 -16.47 28.32 -14.17
C TYR B 224 -16.11 28.69 -15.62
N THR B 225 -15.13 27.99 -16.17
CA THR B 225 -14.76 28.19 -17.57
C THR B 225 -14.78 26.85 -18.29
N GLY B 226 -14.84 26.91 -19.61
CA GLY B 226 -14.90 25.69 -20.39
C GLY B 226 -16.26 25.03 -20.23
N SER B 227 -16.29 23.71 -20.37
CA SER B 227 -17.56 23.01 -20.30
C SER B 227 -17.71 22.19 -19.01
N LEU B 228 -18.96 22.03 -18.57
CA LEU B 228 -19.30 21.11 -17.51
C LEU B 228 -19.39 19.69 -18.06
N TRP B 229 -18.71 18.76 -17.41
CA TRP B 229 -18.87 17.35 -17.74
C TRP B 229 -19.56 16.65 -16.58
N TYR B 230 -20.53 15.81 -16.89
CA TYR B 230 -21.34 15.13 -15.88
C TYR B 230 -21.06 13.65 -15.75
N THR B 231 -21.03 13.17 -14.50
CA THR B 231 -20.93 11.76 -14.23
C THR B 231 -22.19 11.35 -13.45
N PRO B 232 -22.74 10.16 -13.71
CA PRO B 232 -23.99 9.79 -13.02
C PRO B 232 -23.80 9.57 -11.52
N ILE B 233 -24.80 9.93 -10.72
CA ILE B 233 -24.81 9.53 -9.32
C ILE B 233 -25.26 8.08 -9.30
N ARG B 234 -24.38 7.18 -8.89
CA ARG B 234 -24.64 5.75 -9.02
C ARG B 234 -25.82 5.33 -8.17
N ARG B 235 -25.83 5.83 -6.94
CA ARG B 235 -26.90 5.54 -6.00
C ARG B 235 -27.06 6.73 -5.07
N GLU B 236 -28.30 6.98 -4.67
CA GLU B 236 -28.57 8.12 -3.81
C GLU B 236 -28.44 7.76 -2.33
N TRP B 237 -27.22 7.88 -1.82
CA TRP B 237 -26.98 7.80 -0.40
C TRP B 237 -25.93 8.85 -0.08
N TYR B 238 -24.66 8.50 -0.27
CA TYR B 238 -23.63 9.52 -0.45
C TYR B 238 -23.83 9.97 -1.89
N TYR B 239 -23.07 10.99 -2.30
CA TYR B 239 -22.94 11.28 -3.72
C TYR B 239 -21.90 10.31 -4.31
N GLU B 240 -22.38 9.12 -4.65
CA GLU B 240 -21.50 8.07 -5.17
C GLU B 240 -21.28 8.23 -6.68
N VAL B 241 -20.04 8.11 -7.11
CA VAL B 241 -19.70 8.19 -8.53
C VAL B 241 -18.83 6.99 -8.90
N ILE B 242 -18.48 6.88 -10.18
CA ILE B 242 -17.63 5.79 -10.61
C ILE B 242 -16.41 6.31 -11.36
N ILE B 243 -15.25 5.97 -10.82
CA ILE B 243 -13.95 6.25 -11.42
C ILE B 243 -13.54 5.06 -12.28
N VAL B 244 -13.20 5.32 -13.54
CA VAL B 244 -12.95 4.26 -14.51
C VAL B 244 -11.47 4.11 -14.88
N ARG B 245 -10.65 5.06 -14.47
CA ARG B 245 -9.24 5.02 -14.82
C ARG B 245 -8.50 6.06 -14.00
N VAL B 246 -7.26 5.74 -13.61
CA VAL B 246 -6.42 6.70 -12.90
C VAL B 246 -5.03 6.78 -13.53
N GLU B 247 -4.57 8.00 -13.77
CA GLU B 247 -3.23 8.19 -14.31
C GLU B 247 -2.42 9.12 -13.43
N ILE B 248 -1.12 8.84 -13.32
CA ILE B 248 -0.17 9.71 -12.64
C ILE B 248 0.81 10.21 -13.71
N ASN B 249 0.80 11.51 -13.97
CA ASN B 249 1.56 12.06 -15.09
C ASN B 249 1.25 11.31 -16.38
N GLY B 250 -0.04 11.11 -16.63
CA GLY B 250 -0.48 10.45 -17.84
C GLY B 250 -0.16 8.96 -17.88
N GLN B 251 0.49 8.46 -16.83
CA GLN B 251 0.82 7.05 -16.73
C GLN B 251 -0.30 6.26 -16.03
N ASP B 252 -0.93 5.35 -16.78
CA ASP B 252 -2.00 4.50 -16.26
C ASP B 252 -1.54 3.71 -15.04
N LEU B 253 -2.32 3.74 -13.96
CA LEU B 253 -1.98 2.99 -12.75
C LEU B 253 -2.17 1.49 -12.98
N LYS B 254 -2.89 1.16 -14.04
CA LYS B 254 -3.09 -0.24 -14.46
C LYS B 254 -3.67 -1.16 -13.37
N MET B 255 -4.75 -0.74 -12.73
CA MET B 255 -5.43 -1.60 -11.76
C MET B 255 -6.79 -1.98 -12.29
N ASP B 256 -7.33 -3.09 -11.79
CA ASP B 256 -8.71 -3.45 -12.08
C ASP B 256 -9.52 -2.27 -11.57
N CYS B 257 -10.34 -1.67 -12.42
CA CYS B 257 -11.00 -0.42 -12.03
C CYS B 257 -11.97 -0.57 -10.85
N LYS B 258 -12.36 -1.80 -10.53
CA LYS B 258 -13.21 -2.00 -9.37
C LYS B 258 -12.49 -1.56 -8.11
N GLU B 259 -11.17 -1.69 -8.10
CA GLU B 259 -10.39 -1.30 -6.94
C GLU B 259 -10.52 0.20 -6.64
N TYR B 260 -10.71 1.01 -7.68
CA TYR B 260 -10.82 2.46 -7.49
C TYR B 260 -12.10 2.82 -6.76
N ASN B 261 -13.09 1.91 -6.82
CA ASN B 261 -14.41 2.17 -6.25
C ASN B 261 -14.79 1.15 -5.18
N TYR B 262 -13.77 0.64 -4.48
CA TYR B 262 -13.99 -0.33 -3.41
C TYR B 262 -13.82 0.33 -2.04
N ASP B 263 -14.88 0.36 -1.22
CA ASP B 263 -16.18 -0.22 -1.55
C ASP B 263 -17.16 0.79 -2.16
N LYS B 264 -16.71 2.04 -2.30
CA LYS B 264 -17.49 3.05 -3.01
C LYS B 264 -16.55 4.19 -3.34
N SER B 265 -17.00 5.14 -4.16
CA SER B 265 -16.30 6.41 -4.36
C SER B 265 -17.31 7.54 -4.17
N ILE B 266 -16.98 8.52 -3.35
CA ILE B 266 -17.89 9.62 -3.09
C ILE B 266 -17.25 10.99 -3.26
N VAL B 267 -18.10 11.99 -3.43
CA VAL B 267 -17.67 13.37 -3.51
C VAL B 267 -18.06 14.06 -2.21
N ASP B 268 -17.07 14.60 -1.51
CA ASP B 268 -17.29 15.02 -0.11
C ASP B 268 -16.61 16.34 0.27
N SER B 269 -17.37 17.42 0.35
CA SER B 269 -16.77 18.73 0.66
C SER B 269 -16.30 18.85 2.11
N GLY B 270 -16.71 17.91 2.96
CA GLY B 270 -16.35 17.98 4.36
C GLY B 270 -15.13 17.16 4.75
N THR B 271 -14.46 16.59 3.76
CA THR B 271 -13.20 15.87 3.97
C THR B 271 -12.11 16.61 3.25
N THR B 272 -11.00 16.85 3.93
CA THR B 272 -9.88 17.58 3.38
C THR B 272 -9.23 16.86 2.21
N ASN B 273 -8.92 15.58 2.41
CA ASN B 273 -8.02 14.87 1.53
C ASN B 273 -8.65 14.18 0.33
N LEU B 274 -7.82 13.84 -0.65
CA LEU B 274 -8.18 12.78 -1.56
C LEU B 274 -7.81 11.50 -0.82
N ARG B 275 -8.82 10.73 -0.42
CA ARG B 275 -8.59 9.46 0.26
C ARG B 275 -8.83 8.29 -0.68
N LEU B 276 -7.94 7.31 -0.63
CA LEU B 276 -8.00 6.18 -1.56
C LEU B 276 -7.99 4.84 -0.83
N PRO B 277 -8.71 3.84 -1.37
CA PRO B 277 -8.68 2.47 -0.85
C PRO B 277 -7.23 1.99 -0.70
N LYS B 278 -6.97 1.15 0.31
CA LYS B 278 -5.61 0.69 0.61
C LYS B 278 -4.78 0.35 -0.63
N LYS B 279 -5.29 -0.57 -1.46
CA LYS B 279 -4.54 -1.05 -2.62
C LYS B 279 -4.27 0.05 -3.63
N VAL B 280 -5.21 0.98 -3.76
CA VAL B 280 -5.04 2.10 -4.68
C VAL B 280 -4.08 3.12 -4.10
N PHE B 281 -4.16 3.32 -2.79
CA PHE B 281 -3.27 4.27 -2.13
C PHE B 281 -1.84 3.80 -2.25
N GLU B 282 -1.61 2.52 -2.01
CA GLU B 282 -0.27 1.95 -2.15
C GLU B 282 0.27 2.25 -3.54
N ALA B 283 -0.48 1.88 -4.57
CA ALA B 283 -0.03 2.04 -5.95
C ALA B 283 0.19 3.50 -6.30
N ALA B 284 -0.75 4.34 -5.91
CA ALA B 284 -0.65 5.77 -6.20
C ALA B 284 0.55 6.42 -5.53
N VAL B 285 0.75 6.17 -4.24
CA VAL B 285 1.91 6.73 -3.55
C VAL B 285 3.25 6.20 -4.08
N LYS B 286 3.33 4.91 -4.39
CA LYS B 286 4.56 4.39 -4.98
C LYS B 286 4.87 5.19 -6.23
N SER B 287 3.88 5.27 -7.11
CA SER B 287 4.03 5.98 -8.36
C SER B 287 4.41 7.45 -8.14
N ILE B 288 3.71 8.12 -7.23
CA ILE B 288 3.94 9.54 -7.00
C ILE B 288 5.31 9.79 -6.39
N LYS B 289 5.73 8.89 -5.50
CA LYS B 289 7.03 9.00 -4.85
C LYS B 289 8.17 8.85 -5.87
N ALA B 290 8.03 7.86 -6.73
CA ALA B 290 9.01 7.63 -7.80
C ALA B 290 9.08 8.85 -8.71
N ALA B 291 7.91 9.39 -9.06
CA ALA B 291 7.80 10.51 -9.97
C ALA B 291 8.42 11.79 -9.41
N SER B 292 8.69 11.81 -8.10
CA SER B 292 9.23 13.01 -7.45
C SER B 292 10.58 12.75 -6.78
N SER B 293 11.24 11.68 -7.21
CA SER B 293 12.52 11.27 -6.63
C SER B 293 13.66 12.28 -6.80
N THR B 294 13.50 13.26 -7.69
CA THR B 294 14.52 14.31 -7.84
C THR B 294 14.76 14.97 -6.49
N GLU B 295 13.80 14.82 -5.59
CA GLU B 295 13.96 15.13 -4.17
C GLU B 295 13.61 13.86 -3.40
N LYS B 296 14.20 13.69 -2.23
CA LYS B 296 13.92 12.52 -1.40
C LYS B 296 13.31 12.95 -0.08
N PHE B 297 12.11 12.44 0.22
CA PHE B 297 11.37 12.89 1.39
C PHE B 297 11.35 11.85 2.51
N PRO B 298 11.37 12.33 3.76
CA PRO B 298 11.16 11.44 4.92
C PRO B 298 9.86 10.65 4.73
N ASP B 299 9.94 9.32 4.81
CA ASP B 299 8.79 8.45 4.54
C ASP B 299 7.53 8.81 5.35
N GLY B 300 7.68 9.57 6.42
CA GLY B 300 6.54 10.01 7.21
C GLY B 300 5.76 11.11 6.51
N PHE B 301 6.44 11.82 5.62
CA PHE B 301 5.80 12.87 4.84
C PHE B 301 4.66 12.27 4.03
N TRP B 302 4.87 11.08 3.48
CA TRP B 302 3.87 10.45 2.62
C TRP B 302 2.67 9.88 3.39
N LEU B 303 2.80 9.79 4.71
CA LEU B 303 1.71 9.32 5.55
C LEU B 303 0.96 10.48 6.22
N GLY B 304 1.41 11.70 5.96
CA GLY B 304 0.75 12.89 6.47
C GLY B 304 1.25 13.36 7.83
N GLU B 305 2.28 12.70 8.35
CA GLU B 305 2.77 12.99 9.69
C GLU B 305 3.75 14.17 9.73
N GLN B 306 4.67 14.21 8.78
CA GLN B 306 5.66 15.28 8.73
C GLN B 306 5.39 16.23 7.58
N LEU B 307 5.70 17.50 7.78
CA LEU B 307 5.59 18.47 6.70
C LEU B 307 6.90 18.57 5.93
N VAL B 308 6.88 19.25 4.79
CA VAL B 308 8.11 19.52 4.06
C VAL B 308 8.18 20.98 3.65
N CYS B 309 9.35 21.57 3.83
CA CYS B 309 9.49 23.01 3.64
C CYS B 309 10.52 23.36 2.56
N TRP B 310 10.22 24.43 1.83
CA TRP B 310 11.17 25.02 0.90
C TRP B 310 11.20 26.52 1.18
N GLN B 311 12.29 27.16 0.78
CA GLN B 311 12.45 28.59 0.92
C GLN B 311 11.33 29.30 0.16
N ALA B 312 10.74 30.31 0.78
CA ALA B 312 9.63 31.04 0.17
C ALA B 312 9.80 31.24 -1.33
N GLY B 313 8.77 30.92 -2.09
CA GLY B 313 8.74 31.14 -3.53
C GLY B 313 9.57 30.16 -4.34
N THR B 314 10.19 29.18 -3.67
CA THR B 314 11.06 28.23 -4.36
C THR B 314 10.52 26.80 -4.39
N THR B 315 9.26 26.60 -4.03
CA THR B 315 8.69 25.27 -4.07
C THR B 315 8.76 24.73 -5.51
N PRO B 316 9.38 23.55 -5.66
CA PRO B 316 9.62 22.93 -6.98
C PRO B 316 8.40 22.19 -7.50
N TRP B 317 7.36 22.93 -7.86
CA TRP B 317 6.12 22.31 -8.34
C TRP B 317 6.35 21.39 -9.53
N ASN B 318 7.30 21.75 -10.39
CA ASN B 318 7.52 21.04 -11.65
C ASN B 318 7.99 19.60 -11.51
N ILE B 319 8.56 19.26 -10.36
CA ILE B 319 9.04 17.89 -10.16
C ILE B 319 7.97 16.93 -9.65
N PHE B 320 6.80 17.46 -9.30
CA PHE B 320 5.69 16.64 -8.82
C PHE B 320 4.72 16.37 -9.96
N PRO B 321 4.19 15.14 -10.01
CA PRO B 321 3.30 14.74 -11.10
C PRO B 321 1.88 15.30 -10.96
N VAL B 322 1.19 15.44 -12.09
CA VAL B 322 -0.25 15.70 -12.03
C VAL B 322 -0.93 14.35 -11.85
N ILE B 323 -2.20 14.38 -11.44
CA ILE B 323 -2.98 13.17 -11.28
C ILE B 323 -4.26 13.33 -12.05
N SER B 324 -4.62 12.33 -12.86
CA SER B 324 -5.87 12.39 -13.60
C SER B 324 -6.83 11.31 -13.13
N LEU B 325 -8.05 11.72 -12.84
CA LEU B 325 -9.13 10.78 -12.50
C LEU B 325 -10.11 10.75 -13.65
N TYR B 326 -10.36 9.56 -14.21
CA TYR B 326 -11.34 9.44 -15.26
C TYR B 326 -12.66 9.02 -14.62
N LEU B 327 -13.72 9.74 -14.95
CA LEU B 327 -15.05 9.43 -14.42
C LEU B 327 -15.97 8.95 -15.53
N MET B 328 -16.86 8.02 -15.17
CA MET B 328 -17.90 7.56 -16.10
C MET B 328 -18.74 8.74 -16.59
N GLY B 329 -19.06 8.73 -17.89
CA GLY B 329 -19.81 9.81 -18.50
C GLY B 329 -21.29 9.47 -18.65
N GLU B 330 -22.07 10.42 -19.15
CA GLU B 330 -23.50 10.23 -19.32
C GLU B 330 -23.83 9.52 -20.64
N VAL B 331 -22.89 9.58 -21.58
CA VAL B 331 -23.04 8.93 -22.87
C VAL B 331 -22.39 7.56 -22.86
N THR B 332 -23.14 6.55 -23.29
CA THR B 332 -22.61 5.19 -23.43
C THR B 332 -21.17 5.16 -23.94
N ASN B 333 -20.32 4.42 -23.25
CA ASN B 333 -18.92 4.24 -23.64
C ASN B 333 -18.07 5.51 -23.64
N GLN B 334 -18.51 6.54 -22.91
CA GLN B 334 -17.72 7.77 -22.79
C GLN B 334 -17.31 8.03 -21.35
N SER B 335 -16.08 8.49 -21.17
CA SER B 335 -15.63 8.97 -19.87
C SER B 335 -15.07 10.34 -20.09
N PHE B 336 -14.79 11.03 -18.99
CA PHE B 336 -14.06 12.29 -19.06
C PHE B 336 -13.04 12.31 -17.95
N ARG B 337 -12.14 13.30 -17.95
CA ARG B 337 -11.10 13.29 -16.94
C ARG B 337 -10.92 14.62 -16.27
N ILE B 338 -10.65 14.54 -14.98
CA ILE B 338 -10.29 15.72 -14.22
CA ILE B 338 -10.30 15.70 -14.19
C ILE B 338 -8.83 15.56 -13.80
N THR B 339 -8.07 16.63 -13.94
CA THR B 339 -6.65 16.57 -13.69
C THR B 339 -6.28 17.61 -12.65
N ILE B 340 -5.64 17.16 -11.56
CA ILE B 340 -5.24 18.10 -10.52
C ILE B 340 -3.72 18.25 -10.46
N LEU B 341 -3.29 19.41 -9.99
CA LEU B 341 -1.88 19.78 -9.86
C LEU B 341 -1.37 19.47 -8.46
N PRO B 342 -0.04 19.43 -8.29
CA PRO B 342 0.50 19.28 -6.94
C PRO B 342 0.04 20.38 -5.98
N GLN B 343 -0.27 21.57 -6.50
CA GLN B 343 -0.78 22.64 -5.65
C GLN B 343 -2.11 22.25 -4.96
N GLN B 344 -2.80 21.26 -5.52
CA GLN B 344 -4.02 20.71 -4.93
C GLN B 344 -3.72 19.69 -3.83
N TYR B 345 -2.75 18.80 -4.05
CA TYR B 345 -2.53 17.72 -3.09
C TYR B 345 -1.39 17.95 -2.09
N LEU B 346 -0.63 19.04 -2.28
CA LEU B 346 0.33 19.48 -1.29
C LEU B 346 -0.24 20.75 -0.66
N ARG B 347 -0.86 20.60 0.49
CA ARG B 347 -1.60 21.69 1.12
C ARG B 347 -0.71 22.55 2.02
N PRO B 348 -0.83 23.87 1.88
CA PRO B 348 0.00 24.78 2.67
C PRO B 348 -0.36 24.75 4.16
N VAL B 349 0.67 24.73 5.01
CA VAL B 349 0.48 24.80 6.45
C VAL B 349 1.25 25.99 7.03
N GLU B 350 0.56 26.81 7.84
CA GLU B 350 1.17 28.01 8.39
C GLU B 350 2.39 27.70 9.27
N SER B 355 8.69 32.11 10.11
CA SER B 355 9.67 31.54 9.19
C SER B 355 9.25 31.77 7.75
N GLN B 356 10.10 32.47 6.98
CA GLN B 356 9.82 32.72 5.57
C GLN B 356 10.05 31.45 4.73
N ASP B 357 9.49 30.34 5.21
CA ASP B 357 9.52 29.09 4.48
C ASP B 357 8.09 28.62 4.16
N ASP B 358 7.93 27.99 3.02
CA ASP B 358 6.64 27.41 2.64
C ASP B 358 6.63 25.92 2.94
N CYS B 359 5.76 25.51 3.85
CA CYS B 359 5.67 24.12 4.25
C CYS B 359 4.33 23.54 3.82
N TYR B 360 4.32 22.24 3.52
CA TYR B 360 3.12 21.59 3.02
C TYR B 360 2.92 20.22 3.64
N LYS B 361 1.66 19.81 3.72
CA LYS B 361 1.29 18.46 4.12
C LYS B 361 0.85 17.71 2.87
N PHE B 362 1.25 16.44 2.76
CA PHE B 362 0.77 15.58 1.67
C PHE B 362 -0.68 15.26 1.96
N ALA B 363 -1.57 15.62 1.06
CA ALA B 363 -3.01 15.54 1.35
C ALA B 363 -3.69 14.40 0.61
N ILE B 364 -2.95 13.33 0.37
CA ILE B 364 -3.54 12.10 -0.15
C ILE B 364 -3.30 11.02 0.90
N SER B 365 -4.35 10.31 1.28
CA SER B 365 -4.28 9.41 2.43
C SER B 365 -5.09 8.15 2.20
N GLN B 366 -4.90 7.18 3.10
CA GLN B 366 -5.45 5.86 2.92
C GLN B 366 -6.83 5.74 3.52
N SER B 367 -7.72 4.99 2.87
CA SER B 367 -9.08 4.78 3.36
C SER B 367 -9.50 3.31 3.37
N SER B 368 -10.31 2.92 4.35
CA SER B 368 -10.85 1.57 4.41
C SER B 368 -12.33 1.56 4.03
N THR B 369 -12.84 2.73 3.64
CA THR B 369 -14.26 2.85 3.32
C THR B 369 -14.48 3.49 1.96
N GLY B 370 -13.56 3.22 1.04
CA GLY B 370 -13.73 3.66 -0.34
C GLY B 370 -13.04 4.97 -0.63
N THR B 371 -13.05 5.38 -1.90
CA THR B 371 -12.43 6.66 -2.28
C THR B 371 -13.28 7.83 -1.81
N VAL B 372 -12.61 8.90 -1.40
CA VAL B 372 -13.31 10.12 -1.07
C VAL B 372 -12.65 11.26 -1.82
N MET B 373 -13.41 11.87 -2.72
CA MET B 373 -12.89 13.04 -3.42
C MET B 373 -13.21 14.25 -2.55
N GLY B 374 -12.27 14.60 -1.70
CA GLY B 374 -12.44 15.70 -0.76
C GLY B 374 -12.06 17.03 -1.37
N ALA B 375 -11.78 17.98 -0.49
CA ALA B 375 -11.41 19.31 -0.90
C ALA B 375 -10.22 19.30 -1.86
N VAL B 376 -9.35 18.29 -1.76
CA VAL B 376 -8.19 18.21 -2.66
C VAL B 376 -8.63 18.17 -4.13
N ILE B 377 -9.72 17.46 -4.38
CA ILE B 377 -10.27 17.33 -5.71
C ILE B 377 -11.15 18.55 -6.03
N MET B 378 -12.00 18.94 -5.08
CA MET B 378 -13.02 19.96 -5.36
C MET B 378 -12.49 21.38 -5.55
N GLU B 379 -11.45 21.76 -4.81
CA GLU B 379 -10.91 23.10 -4.94
C GLU B 379 -10.39 23.29 -6.37
N GLY B 380 -10.56 24.49 -6.89
CA GLY B 380 -10.22 24.75 -8.28
C GLY B 380 -11.19 24.17 -9.29
N PHE B 381 -12.20 23.44 -8.84
CA PHE B 381 -13.26 22.99 -9.73
C PHE B 381 -14.59 23.56 -9.29
N TYR B 382 -15.51 23.69 -10.23
CA TYR B 382 -16.89 24.04 -9.93
C TYR B 382 -17.67 22.75 -10.00
N VAL B 383 -18.31 22.37 -8.91
CA VAL B 383 -18.91 21.06 -8.82
C VAL B 383 -20.41 21.25 -8.65
N VAL B 384 -21.17 20.62 -9.52
CA VAL B 384 -22.61 20.78 -9.54
C VAL B 384 -23.30 19.53 -9.04
N PHE B 385 -24.00 19.63 -7.92
CA PHE B 385 -24.71 18.47 -7.40
C PHE B 385 -26.13 18.52 -7.94
N ASP B 386 -26.33 17.92 -9.11
CA ASP B 386 -27.61 17.99 -9.81
C ASP B 386 -28.48 16.80 -9.42
N ARG B 387 -29.10 16.91 -8.24
CA ARG B 387 -29.95 15.84 -7.72
C ARG B 387 -31.14 15.56 -8.64
N ALA B 388 -31.75 16.62 -9.15
CA ALA B 388 -32.89 16.49 -10.05
C ALA B 388 -32.59 15.54 -11.19
N ARG B 389 -31.38 15.62 -11.76
CA ARG B 389 -31.02 14.78 -12.90
C ARG B 389 -30.04 13.66 -12.54
N LYS B 390 -29.92 13.39 -11.24
CA LYS B 390 -29.08 12.30 -10.74
C LYS B 390 -27.67 12.28 -11.35
N ARG B 391 -26.95 13.39 -11.20
CA ARG B 391 -25.63 13.49 -11.80
C ARG B 391 -24.85 14.61 -11.13
N ILE B 392 -23.52 14.54 -11.28
CA ILE B 392 -22.62 15.52 -10.72
C ILE B 392 -21.77 16.09 -11.85
N GLY B 393 -21.69 17.40 -11.93
CA GLY B 393 -20.93 18.04 -13.00
C GLY B 393 -19.62 18.62 -12.50
N PHE B 394 -18.56 18.52 -13.30
CA PHE B 394 -17.28 19.16 -12.98
C PHE B 394 -16.91 20.15 -14.09
N ALA B 395 -16.42 21.31 -13.69
CA ALA B 395 -15.84 22.28 -14.64
C ALA B 395 -14.64 22.92 -14.00
N VAL B 396 -13.70 23.40 -14.82
CA VAL B 396 -12.62 24.21 -14.28
C VAL B 396 -13.18 25.45 -13.61
N SER B 397 -12.77 25.69 -12.36
CA SER B 397 -13.28 26.82 -11.60
C SER B 397 -12.62 28.12 -12.03
N ALA B 398 -13.40 29.21 -11.98
CA ALA B 398 -12.85 30.54 -12.21
C ALA B 398 -11.83 30.92 -11.13
N CYS B 399 -11.79 30.17 -10.04
CA CYS B 399 -10.82 30.40 -8.99
C CYS B 399 -9.78 29.28 -8.94
N HIS B 400 -8.68 29.47 -9.64
CA HIS B 400 -7.68 28.42 -9.76
C HIS B 400 -6.29 28.90 -9.41
N VAL B 401 -5.37 27.95 -9.24
CA VAL B 401 -3.97 28.25 -9.05
C VAL B 401 -3.42 28.78 -10.38
N HIS B 402 -2.44 29.67 -10.29
CA HIS B 402 -1.83 30.22 -11.50
C HIS B 402 -0.43 29.65 -11.70
N ASP B 403 -0.35 28.39 -12.09
CA ASP B 403 0.95 27.76 -12.34
C ASP B 403 1.57 28.34 -13.61
N GLU B 404 2.90 28.32 -13.68
CA GLU B 404 3.65 28.83 -14.82
C GLU B 404 3.37 28.08 -16.11
N PHE B 405 3.09 26.79 -15.99
CA PHE B 405 3.07 25.91 -17.16
C PHE B 405 1.85 25.02 -17.22
N ARG B 406 1.36 24.60 -16.05
CA ARG B 406 0.27 23.63 -16.01
C ARG B 406 -1.05 24.30 -15.68
N THR B 407 -2.13 23.58 -15.88
CA THR B 407 -3.44 24.10 -15.55
C THR B 407 -4.40 22.94 -15.29
N ALA B 408 -5.04 22.95 -14.12
CA ALA B 408 -6.06 21.96 -13.80
C ALA B 408 -7.09 21.97 -14.92
N ALA B 409 -7.67 20.81 -15.20
CA ALA B 409 -8.49 20.66 -16.40
C ALA B 409 -9.57 19.61 -16.24
N VAL B 410 -10.65 19.82 -16.99
CA VAL B 410 -11.70 18.84 -17.19
C VAL B 410 -11.84 18.63 -18.70
N GLU B 411 -11.64 17.41 -19.18
CA GLU B 411 -11.56 17.16 -20.62
C GLU B 411 -12.24 15.86 -21.03
N GLY B 412 -12.85 15.85 -22.21
CA GLY B 412 -13.42 14.64 -22.76
C GLY B 412 -13.99 14.87 -24.15
N PRO B 413 -14.66 13.86 -24.73
CA PRO B 413 -14.86 12.53 -24.14
C PRO B 413 -13.70 11.60 -24.49
N PHE B 414 -13.62 10.47 -23.81
CA PHE B 414 -12.68 9.43 -24.17
C PHE B 414 -13.45 8.13 -24.30
N VAL B 415 -13.03 7.26 -25.23
CA VAL B 415 -13.73 5.99 -25.42
C VAL B 415 -13.33 5.01 -24.32
N THR B 416 -14.31 4.58 -23.54
CA THR B 416 -14.09 3.65 -22.45
C THR B 416 -15.20 2.60 -22.47
N LEU B 417 -14.84 1.33 -22.56
CA LEU B 417 -15.84 0.26 -22.62
C LEU B 417 -16.05 -0.42 -21.27
N ASP B 418 -17.26 -0.94 -21.06
CA ASP B 418 -17.60 -1.68 -19.85
C ASP B 418 -17.37 -0.90 -18.57
N MET B 419 -17.84 0.35 -18.54
CA MET B 419 -17.68 1.19 -17.36
C MET B 419 -18.56 0.72 -16.21
N GLU B 420 -19.65 0.05 -16.55
CA GLU B 420 -20.56 -0.51 -15.56
C GLU B 420 -19.80 -1.42 -14.60
N ASP B 421 -18.83 -2.16 -15.13
CA ASP B 421 -18.10 -3.14 -14.35
C ASP B 421 -17.12 -2.52 -13.36
N CYS B 422 -16.90 -1.21 -13.45
CA CYS B 422 -15.98 -0.55 -12.52
C CYS B 422 -16.63 -0.37 -11.16
N GLY B 423 -17.95 -0.49 -11.12
CA GLY B 423 -18.68 -0.34 -9.88
C GLY B 423 -18.56 -1.59 -9.04
N TYR B 424 -18.39 -1.39 -7.73
CA TYR B 424 -18.30 -2.49 -6.78
C TYR B 424 -19.69 -2.85 -6.27
N ASN B 425 -19.88 -4.12 -5.96
CA ASN B 425 -21.16 -4.65 -5.48
C ASN B 425 -20.96 -5.49 -4.23
N ILE B 426 -21.74 -5.20 -3.18
CA ILE B 426 -21.64 -5.95 -1.92
C ILE B 426 -20.20 -5.95 -1.39
CAE QSC C 1 7.46 -16.42 -0.48
CAT QSC C 1 11.08 -13.59 1.94
CAY QSC C 1 11.33 -14.88 1.22
CAZ QSC C 1 9.71 -13.20 2.36
CBE QSC C 1 10.19 -15.80 0.91
CBF QSC C 1 8.56 -14.11 2.06
NBR QSC C 1 8.08 -17.64 1.57
CCI QSC C 1 8.82 -15.39 1.33
CCL QSC C 1 7.67 -16.34 1.02
CAG USC C 2 7.62 -19.63 8.17
OAI USC C 2 6.54 -17.56 3.34
OAJ USC C 2 8.40 -24.02 1.79
OAO USC C 2 9.94 -19.30 6.98
OAP USC C 2 9.81 -21.05 8.70
CBG USC C 2 8.12 -19.78 4.73
CBH USC C 2 8.89 -22.24 4.13
CBI USC C 2 8.21 -20.55 2.26
NBU USC C 2 8.84 -21.51 6.51
CBX USC C 2 7.44 -18.15 2.76
CBY USC C 2 8.89 -22.91 1.63
CCF USC C 2 8.62 -21.15 5.13
CCG USC C 2 7.92 -19.49 3.27
CCH USC C 2 8.68 -21.90 2.72
SCT USC C 2 9.16 -20.35 7.58
N PSA C 3 9.58 -22.44 0.44
CA PSA C 3 9.74 -23.32 -0.69
CB PSA C 3 9.23 -22.55 -1.87
CG PSA C 3 7.91 -21.84 -1.56
CD1 PSA C 3 6.79 -22.48 -0.77
CD2 PSA C 3 7.66 -20.48 -2.08
CE1 PSA C 3 5.53 -21.74 -0.54
CE2 PSA C 3 6.41 -19.74 -1.85
CZ PSA C 3 5.31 -20.36 -1.07
CH PSA C 3 11.22 -23.68 -0.81
OH PSA C 3 12.05 -22.59 -0.95
CM PSA C 3 11.69 -24.80 0.15
C PSA C 3 11.02 -26.15 -0.16
O PSA C 3 10.04 -26.59 0.44
N LEU C 4 11.65 -26.90 -1.25
CA LEU C 4 11.13 -28.18 -1.61
C LEU C 4 11.20 -29.05 -0.40
N ALA C 5 10.10 -29.94 -0.13
CA ALA C 5 10.13 -30.85 0.97
C ALA C 5 10.33 -32.27 0.45
N ZAE C 6 10.99 -33.28 1.26
CA ZAE C 6 11.09 -34.63 0.74
C ZAE C 6 12.48 -35.18 0.77
O ZAE C 6 12.80 -36.04 1.56
CB ZAE C 6 10.21 -35.58 1.55
CG ZAE C 6 8.75 -35.10 1.53
CD1 ZAE C 6 7.92 -35.28 0.31
CD2 ZAE C 6 8.16 -34.44 2.74
CE1 ZAE C 6 6.49 -34.80 0.29
CE2 ZAE C 6 6.74 -33.98 2.71
CZ ZAE C 6 5.91 -34.16 1.49
C10 ZAE C 6 11.51 -32.96 2.56
CM PLJ C 7 16.90 -36.44 2.66
O PLJ C 7 15.44 -34.29 1.94
CG PLJ C 7 14.39 -33.68 -2.06
CB PLJ C 7 15.51 -34.22 -1.19
CD PLJ C 7 13.19 -33.61 -1.15
OXT PLJ C 7 16.21 -36.36 1.44
C PLJ C 7 15.55 -35.18 1.09
CA PLJ C 7 14.83 -35.12 -0.23
N PLJ C 7 13.45 -34.64 -0.15
CAE QSC D 1 -13.62 20.36 8.27
CAT QSC D 1 -11.62 21.33 3.58
CAY QSC D 1 -12.81 20.48 3.83
CAZ QSC D 1 -10.65 21.66 4.65
CBE QSC D 1 -13.04 19.95 5.22
CBF QSC D 1 -10.89 21.14 6.04
NBR QSC D 1 -12.53 18.32 7.55
CCI QSC D 1 -12.09 20.30 6.31
CCL QSC D 1 -12.36 19.74 7.71
CAG USC D 2 -7.40 13.80 7.12
OAI USC D 2 -10.45 17.79 8.48
OAJ USC D 2 -14.99 12.36 8.45
OAO USC D 2 -8.93 14.29 5.06
OAP USC D 2 -8.08 12.02 5.19
CBG USC D 2 -10.64 15.00 7.31
CBH USC D 2 -12.31 12.98 7.26
CBI USC D 2 -13.14 15.39 7.90
NBU USC D 2 -9.89 12.60 6.69
CBX USC D 2 -11.49 17.41 7.96
CBY USC D 2 -14.80 13.43 7.90
CCF USC D 2 -10.93 13.53 7.10
CCG USC D 2 -11.74 15.92 7.73
CCH USC D 2 -13.39 13.92 7.68
SCT USC D 2 -8.58 13.18 5.93
N PSA D 3 -15.85 14.32 7.42
CA PSA D 3 -17.26 14.04 7.60
CB PSA D 3 -17.88 15.32 8.09
CG PSA D 3 -16.95 15.99 9.08
CD1 PSA D 3 -16.20 15.22 10.12
CD2 PSA D 3 -16.79 17.48 9.06
CE1 PSA D 3 -15.33 15.94 11.09
CE2 PSA D 3 -15.90 18.18 10.02
CZ PSA D 3 -15.16 17.41 11.05
CH PSA D 3 -17.87 13.57 6.28
OH PSA D 3 -17.82 14.47 5.23
CM PSA D 3 -17.59 12.11 5.93
C PSA D 3 -18.22 11.13 6.94
O PSA D 3 -17.61 10.67 7.89
N LEU D 4 -19.61 10.77 6.66
CA LEU D 4 -20.26 9.84 7.54
C LEU D 4 -19.49 8.54 7.46
N ALA D 5 -19.24 7.81 8.68
CA ALA D 5 -18.57 6.53 8.61
C ALA D 5 -19.60 5.43 8.84
N ZAE D 6 -19.49 4.10 8.24
CA ZAE D 6 -20.51 3.10 8.54
C ZAE D 6 -21.11 2.48 7.32
O ZAE D 6 -20.82 1.33 7.02
CB ZAE D 6 -19.86 1.98 9.36
CG ZAE D 6 -19.33 2.58 10.67
CD1 ZAE D 6 -20.26 2.86 11.79
CD2 ZAE D 6 -17.87 2.89 10.81
CE1 ZAE D 6 -19.74 3.44 13.07
CE2 ZAE D 6 -17.35 3.48 12.09
CZ ZAE D 6 -18.28 3.76 13.22
C10 ZAE D 6 -18.37 3.74 7.38
CM PLJ D 7 -21.15 0.14 2.89
O PLJ D 7 -20.52 2.39 4.23
CG PLJ D 7 -23.55 4.85 5.60
CB PLJ D 7 -23.34 3.78 4.57
CD PLJ D 7 -22.50 4.59 6.67
OXT PLJ D 7 -22.04 0.76 3.79
C PLJ D 7 -21.69 1.99 4.34
CA PLJ D 7 -22.66 2.67 5.27
N PLJ D 7 -22.04 3.23 6.47
#